data_4K4C
#
_entry.id   4K4C
#
_cell.length_a   51.470
_cell.length_b   59.175
_cell.length_c   85.829
_cell.angle_alpha   90.00
_cell.angle_beta   90.20
_cell.angle_gamma   90.00
#
_symmetry.space_group_name_H-M   'P 1 21 1'
#
loop_
_entity.id
_entity.type
_entity.pdbx_description
1 polymer 'Proofreading thioesterase EntH'
2 non-polymer 'phenacyl coenzyme A'
3 water water
#
_entity_poly.entity_id   1
_entity_poly.type   'polypeptide(L)'
_entity_poly.pdbx_seq_one_letter_code
;MIWKRHLTLDELNATSDNTMVAHLGIVYTRLGDDVLEAEMPVDTRTHQPFGLLHGGASAALAETLGSMAGFMMTRDGQCV
VGTELNATHHRPVSEGKVRGVCQPLHLGRQNQSWEIVVFDEQGRRCCTCRLGTAVLG
;
_entity_poly.pdbx_strand_id   A,B,C,D
#
loop_
_chem_comp.id
_chem_comp.type
_chem_comp.name
_chem_comp.formula
0FQ non-polymer 'phenacyl coenzyme A' 'C29 H42 N7 O17 P3 S'
#
# COMPACT_ATOMS: atom_id res chain seq x y z
N MET A 1 28.29 7.45 -2.76
CA MET A 1 28.03 6.33 -3.65
C MET A 1 27.56 5.13 -2.83
N ILE A 2 26.27 4.80 -2.93
CA ILE A 2 25.66 3.87 -1.99
C ILE A 2 26.02 2.38 -2.20
N TRP A 3 26.26 1.99 -3.45
CA TRP A 3 26.42 0.57 -3.78
C TRP A 3 27.54 -0.15 -3.04
N LYS A 4 27.23 -1.33 -2.52
CA LYS A 4 28.22 -2.15 -1.82
C LYS A 4 28.68 -3.30 -2.69
N ARG A 5 27.85 -3.65 -3.67
CA ARG A 5 28.17 -4.68 -4.64
C ARG A 5 28.18 -4.00 -6.00
N HIS A 6 29.26 -4.13 -6.74
CA HIS A 6 29.42 -3.35 -7.96
C HIS A 6 29.27 -4.18 -9.22
N LEU A 7 28.25 -3.83 -10.00
CA LEU A 7 27.99 -4.50 -11.27
C LEU A 7 27.93 -3.45 -12.37
N THR A 8 28.39 -3.79 -13.58
CA THR A 8 28.21 -2.91 -14.72
C THR A 8 26.79 -3.10 -15.25
N LEU A 9 26.38 -2.24 -16.18
CA LEU A 9 25.07 -2.38 -16.82
C LEU A 9 25.01 -3.69 -17.60
N ASP A 10 26.14 -4.07 -18.20
CA ASP A 10 26.23 -5.35 -18.90
C ASP A 10 25.99 -6.54 -17.98
N GLU A 11 26.59 -6.51 -16.80
CA GLU A 11 26.38 -7.59 -15.83
C GLU A 11 24.93 -7.57 -15.34
N LEU A 12 24.42 -6.38 -15.04
CA LEU A 12 23.02 -6.22 -14.64
C LEU A 12 22.08 -6.82 -15.70
N ASN A 13 22.28 -6.43 -16.96
CA ASN A 13 21.41 -6.90 -18.03
C ASN A 13 21.51 -8.41 -18.27
N ALA A 14 22.68 -8.98 -17.98
CA ALA A 14 22.86 -10.43 -18.09
C ALA A 14 22.11 -11.19 -17.01
N THR A 15 21.86 -10.56 -15.86
CA THR A 15 21.07 -11.20 -14.80
C THR A 15 19.64 -11.48 -15.26
N SER A 16 19.20 -10.76 -16.29
CA SER A 16 17.82 -10.85 -16.72
C SER A 16 17.53 -12.09 -17.54
N ASP A 17 18.60 -12.74 -18.03
CA ASP A 17 18.47 -13.96 -18.82
C ASP A 17 17.53 -14.98 -18.18
N ASN A 18 16.58 -15.46 -18.98
CA ASN A 18 15.62 -16.47 -18.53
C ASN A 18 14.85 -16.04 -17.27
N THR A 19 14.53 -14.75 -17.18
CA THR A 19 13.63 -14.25 -16.14
C THR A 19 12.53 -13.40 -16.76
N MET A 20 11.58 -12.99 -15.92
CA MET A 20 10.51 -12.09 -16.33
C MET A 20 11.06 -10.75 -16.75
N VAL A 21 12.23 -10.38 -16.22
CA VAL A 21 12.79 -9.07 -16.51
C VAL A 21 13.07 -8.96 -18.00
N ALA A 22 13.84 -9.90 -18.52
CA ALA A 22 14.09 -9.97 -19.97
C ALA A 22 12.79 -10.24 -20.73
N HIS A 23 11.88 -10.99 -20.13
CA HIS A 23 10.64 -11.34 -20.81
C HIS A 23 9.79 -10.09 -21.09
N LEU A 24 9.83 -9.09 -20.21
CA LEU A 24 9.09 -7.83 -20.42
C LEU A 24 9.87 -6.82 -21.24
N GLY A 25 11.07 -7.19 -21.65
CA GLY A 25 11.87 -6.32 -22.50
C GLY A 25 12.51 -5.22 -21.69
N ILE A 26 12.61 -5.44 -20.38
CA ILE A 26 13.25 -4.46 -19.52
C ILE A 26 14.77 -4.50 -19.71
N VAL A 27 15.37 -3.34 -19.93
N VAL A 27 15.34 -3.31 -19.87
CA VAL A 27 16.82 -3.27 -19.95
CA VAL A 27 16.77 -3.12 -20.04
C VAL A 27 17.30 -2.08 -19.11
C VAL A 27 17.26 -2.05 -19.07
N TYR A 28 18.25 -2.37 -18.24
CA TYR A 28 18.83 -1.36 -17.36
C TYR A 28 19.62 -0.37 -18.21
N THR A 29 19.46 0.91 -17.92
CA THR A 29 19.91 1.94 -18.83
C THR A 29 20.84 2.92 -18.14
N ARG A 30 20.78 2.95 -16.82
CA ARG A 30 21.65 3.85 -16.06
C ARG A 30 21.89 3.35 -14.65
N LEU A 31 23.17 3.36 -14.26
CA LEU A 31 23.54 3.11 -12.87
C LEU A 31 24.27 4.33 -12.38
N GLY A 32 23.62 5.12 -11.52
CA GLY A 32 24.23 6.32 -10.97
C GLY A 32 24.72 6.03 -9.57
N ASP A 33 25.22 7.07 -8.91
CA ASP A 33 25.75 6.90 -7.56
C ASP A 33 24.69 6.43 -6.57
N ASP A 34 23.45 6.85 -6.78
CA ASP A 34 22.37 6.54 -5.84
C ASP A 34 21.07 6.33 -6.61
N VAL A 35 21.18 5.88 -7.84
CA VAL A 35 20.02 5.72 -8.70
C VAL A 35 20.24 4.57 -9.68
N LEU A 36 19.18 3.79 -9.90
CA LEU A 36 19.16 2.74 -10.92
C LEU A 36 18.00 3.03 -11.86
N GLU A 37 18.24 2.93 -13.18
CA GLU A 37 17.17 3.21 -14.14
C GLU A 37 17.05 2.09 -15.17
N ALA A 38 15.82 1.79 -15.59
CA ALA A 38 15.61 0.84 -16.67
C ALA A 38 14.48 1.32 -17.59
N GLU A 39 14.48 0.83 -18.83
CA GLU A 39 13.44 1.16 -19.79
C GLU A 39 12.61 -0.09 -20.04
N MET A 40 11.36 0.09 -20.43
CA MET A 40 10.46 -1.03 -20.69
C MET A 40 9.57 -0.64 -21.83
N PRO A 41 9.39 -1.56 -22.81
CA PRO A 41 8.53 -1.25 -23.95
C PRO A 41 7.06 -1.20 -23.57
N VAL A 42 6.29 -0.37 -24.28
CA VAL A 42 4.83 -0.45 -24.18
C VAL A 42 4.35 -1.12 -25.46
N ASP A 43 4.31 -2.45 -25.45
CA ASP A 43 3.84 -3.21 -26.62
C ASP A 43 3.05 -4.43 -26.16
N THR A 44 2.88 -5.42 -27.04
CA THR A 44 2.04 -6.57 -26.71
C THR A 44 2.51 -7.33 -25.47
N ARG A 45 3.80 -7.23 -25.15
CA ARG A 45 4.38 -7.94 -24.01
C ARG A 45 3.95 -7.30 -22.69
N THR A 46 3.54 -6.03 -22.74
CA THR A 46 3.19 -5.28 -21.52
C THR A 46 1.81 -4.60 -21.57
N HIS A 47 1.07 -4.78 -22.66
CA HIS A 47 -0.27 -4.18 -22.82
C HIS A 47 -1.32 -4.87 -21.96
N GLN A 48 -2.39 -4.13 -21.64
CA GLN A 48 -3.63 -4.76 -21.18
C GLN A 48 -4.59 -4.89 -22.39
N PRO A 49 -5.74 -5.56 -22.24
CA PRO A 49 -6.56 -5.87 -23.43
C PRO A 49 -7.15 -4.65 -24.15
N PHE A 50 -7.02 -3.46 -23.59
CA PHE A 50 -7.65 -2.28 -24.17
C PHE A 50 -6.64 -1.25 -24.66
N GLY A 51 -5.41 -1.72 -24.91
CA GLY A 51 -4.42 -0.91 -25.59
C GLY A 51 -3.51 -0.05 -24.72
N LEU A 52 -3.69 -0.10 -23.40
CA LEU A 52 -2.84 0.66 -22.50
C LEU A 52 -1.74 -0.22 -21.91
N LEU A 53 -0.71 0.43 -21.38
CA LEU A 53 0.29 -0.25 -20.57
C LEU A 53 -0.41 -0.88 -19.35
N HIS A 54 -0.18 -2.19 -19.15
CA HIS A 54 -0.73 -2.94 -18.03
C HIS A 54 -0.17 -2.37 -16.73
N GLY A 55 -1.02 -2.20 -15.72
CA GLY A 55 -0.56 -1.66 -14.45
C GLY A 55 0.42 -2.63 -13.81
N GLY A 56 0.25 -3.91 -14.12
CA GLY A 56 1.11 -4.96 -13.60
C GLY A 56 2.51 -4.87 -14.18
N ALA A 57 2.64 -4.24 -15.36
CA ALA A 57 3.97 -4.09 -15.96
C ALA A 57 4.77 -3.03 -15.24
N SER A 58 4.15 -1.90 -14.95
CA SER A 58 4.78 -0.87 -14.14
C SER A 58 5.16 -1.43 -12.77
N ALA A 59 4.25 -2.20 -12.16
CA ALA A 59 4.52 -2.86 -10.89
C ALA A 59 5.75 -3.78 -10.97
N ALA A 60 5.81 -4.60 -12.02
CA ALA A 60 6.93 -5.53 -12.16
C ALA A 60 8.23 -4.80 -12.42
N LEU A 61 8.15 -3.70 -13.18
CA LEU A 61 9.31 -2.86 -13.41
C LEU A 61 9.78 -2.27 -12.09
N ALA A 62 8.85 -1.94 -11.19
CA ALA A 62 9.23 -1.36 -9.90
C ALA A 62 9.87 -2.39 -8.95
N GLU A 63 9.28 -3.57 -8.85
CA GLU A 63 9.88 -4.62 -8.01
C GLU A 63 11.23 -5.07 -8.55
N THR A 64 11.34 -5.12 -9.87
CA THR A 64 12.62 -5.42 -10.52
C THR A 64 13.67 -4.42 -10.06
N LEU A 65 13.39 -3.13 -10.25
CA LEU A 65 14.38 -2.11 -9.96
C LEU A 65 14.73 -2.04 -8.48
N GLY A 66 13.71 -2.12 -7.62
CA GLY A 66 13.94 -2.02 -6.19
C GLY A 66 14.75 -3.20 -5.66
N SER A 67 14.46 -4.38 -6.20
CA SER A 67 15.11 -5.61 -5.75
C SER A 67 16.56 -5.74 -6.19
N MET A 68 16.84 -5.30 -7.41
CA MET A 68 18.21 -5.32 -7.91
C MET A 68 19.05 -4.22 -7.30
N ALA A 69 18.44 -3.06 -7.05
CA ALA A 69 19.13 -2.01 -6.31
C ALA A 69 19.42 -2.53 -4.91
N GLY A 70 18.44 -3.21 -4.32
CA GLY A 70 18.60 -3.77 -2.99
C GLY A 70 19.74 -4.79 -2.98
N PHE A 71 19.79 -5.58 -4.05
CA PHE A 71 20.85 -6.56 -4.23
C PHE A 71 22.24 -5.90 -4.20
N MET A 72 22.37 -4.78 -4.91
CA MET A 72 23.65 -4.06 -4.96
C MET A 72 24.02 -3.36 -3.65
N MET A 73 23.12 -3.46 -2.67
CA MET A 73 23.36 -2.89 -1.34
C MET A 73 23.69 -3.96 -0.31
N THR A 74 23.93 -5.17 -0.77
CA THR A 74 24.28 -6.28 0.12
C THR A 74 25.63 -6.91 -0.23
N ARG A 75 26.03 -7.83 0.63
CA ARG A 75 27.33 -8.49 0.52
C ARG A 75 27.14 -9.97 0.21
N ASP A 76 28.16 -10.59 -0.36
CA ASP A 76 28.04 -11.94 -0.91
C ASP A 76 27.48 -12.98 0.08
N GLY A 77 26.53 -13.78 -0.39
CA GLY A 77 25.85 -14.73 0.47
C GLY A 77 24.55 -14.14 1.00
N GLN A 78 24.36 -12.84 0.78
CA GLN A 78 23.10 -12.19 1.11
C GLN A 78 22.16 -12.13 -0.09
N CYS A 79 20.89 -12.36 0.19
CA CYS A 79 19.84 -12.30 -0.82
C CYS A 79 18.91 -11.17 -0.46
N VAL A 80 18.30 -10.55 -1.48
CA VAL A 80 17.26 -9.55 -1.23
C VAL A 80 15.94 -10.00 -1.85
N VAL A 81 14.88 -10.00 -1.05
CA VAL A 81 13.56 -10.32 -1.57
C VAL A 81 12.61 -9.17 -1.33
N GLY A 82 11.71 -8.95 -2.29
CA GLY A 82 10.67 -7.95 -2.15
C GLY A 82 9.65 -8.48 -1.16
N THR A 83 9.20 -7.63 -0.24
CA THR A 83 8.24 -8.08 0.76
C THR A 83 6.93 -7.30 0.68
N GLU A 84 7.05 -6.06 0.24
N GLU A 84 7.04 -6.02 0.34
CA GLU A 84 5.90 -5.18 0.22
CA GLU A 84 5.86 -5.15 0.28
C GLU A 84 5.96 -4.19 -0.92
C GLU A 84 5.96 -4.21 -0.92
N LEU A 85 4.96 -4.26 -1.80
CA LEU A 85 4.93 -3.39 -2.97
C LEU A 85 3.62 -2.64 -3.02
N ASN A 86 3.70 -1.35 -3.32
CA ASN A 86 2.49 -0.59 -3.62
C ASN A 86 2.73 0.32 -4.80
N ALA A 87 1.66 0.65 -5.51
CA ALA A 87 1.79 1.45 -6.72
C ALA A 87 0.55 2.29 -6.92
N THR A 88 0.74 3.52 -7.36
CA THR A 88 -0.37 4.39 -7.72
C THR A 88 -0.25 4.77 -9.18
N HIS A 89 -1.27 4.44 -9.96
CA HIS A 89 -1.27 4.71 -11.40
C HIS A 89 -1.92 6.05 -11.70
N HIS A 90 -1.08 7.06 -11.95
CA HIS A 90 -1.55 8.44 -12.10
C HIS A 90 -2.11 8.78 -13.49
N ARG A 91 -1.51 8.20 -14.52
CA ARG A 91 -1.80 8.56 -15.91
C ARG A 91 -1.62 7.35 -16.79
N PRO A 92 -2.46 7.21 -17.82
CA PRO A 92 -2.31 6.05 -18.72
C PRO A 92 -1.15 6.24 -19.68
N VAL A 93 -0.64 5.14 -20.22
CA VAL A 93 0.39 5.19 -21.27
C VAL A 93 -0.09 4.29 -22.40
N SER A 94 -0.04 4.79 -23.62
CA SER A 94 -0.60 4.08 -24.76
C SER A 94 0.47 3.66 -25.76
N GLU A 95 1.65 4.26 -25.66
CA GLU A 95 2.72 3.98 -26.62
C GLU A 95 4.13 4.40 -26.18
N GLY A 96 5.12 3.93 -26.92
CA GLY A 96 6.51 4.25 -26.65
C GLY A 96 7.20 3.27 -25.71
N LYS A 97 8.15 3.81 -24.93
CA LYS A 97 8.76 3.07 -23.83
C LYS A 97 8.60 3.90 -22.57
N VAL A 98 8.59 3.26 -21.41
CA VAL A 98 8.59 4.00 -20.16
C VAL A 98 9.94 3.85 -19.50
N ARG A 99 10.26 4.75 -18.57
CA ARG A 99 11.50 4.65 -17.85
C ARG A 99 11.19 4.58 -16.38
N GLY A 100 11.77 3.61 -15.69
CA GLY A 100 11.62 3.55 -14.24
C GLY A 100 12.87 4.10 -13.59
N VAL A 101 12.71 4.92 -12.55
CA VAL A 101 13.85 5.54 -11.88
C VAL A 101 13.75 5.21 -10.40
N CYS A 102 14.75 4.49 -9.90
CA CYS A 102 14.72 3.93 -8.55
C CYS A 102 15.77 4.56 -7.64
N GLN A 103 15.34 5.03 -6.47
CA GLN A 103 16.22 5.67 -5.50
C GLN A 103 15.88 5.19 -4.09
N PRO A 104 16.87 5.20 -3.17
CA PRO A 104 16.64 4.69 -1.82
C PRO A 104 15.87 5.66 -0.92
N LEU A 105 14.91 5.15 -0.15
CA LEU A 105 14.28 5.94 0.91
C LEU A 105 14.89 5.57 2.26
N HIS A 106 15.13 4.28 2.44
CA HIS A 106 15.68 3.78 3.68
C HIS A 106 16.54 2.55 3.43
N LEU A 107 17.79 2.61 3.87
CA LEU A 107 18.70 1.49 3.69
C LEU A 107 19.08 0.85 5.01
N GLY A 108 18.26 -0.10 5.47
CA GLY A 108 18.49 -0.75 6.74
C GLY A 108 19.34 -1.99 6.63
N ARG A 109 19.68 -2.56 7.78
CA ARG A 109 20.54 -3.74 7.83
C ARG A 109 19.76 -4.99 7.44
N GLN A 110 18.49 -5.04 7.80
CA GLN A 110 17.65 -6.17 7.39
C GLN A 110 16.46 -5.79 6.49
N ASN A 111 16.10 -4.51 6.47
CA ASN A 111 15.01 -4.03 5.61
C ASN A 111 15.37 -2.78 4.81
N GLN A 112 14.89 -2.68 3.59
CA GLN A 112 15.11 -1.48 2.79
C GLN A 112 13.78 -1.00 2.26
N SER A 113 13.73 0.28 1.90
CA SER A 113 12.56 0.85 1.22
C SER A 113 13.05 1.64 0.02
N TRP A 114 12.50 1.34 -1.16
CA TRP A 114 12.92 1.96 -2.41
C TRP A 114 11.74 2.67 -3.05
N GLU A 115 12.02 3.84 -3.59
CA GLU A 115 11.05 4.55 -4.41
C GLU A 115 11.31 4.25 -5.88
N ILE A 116 10.27 3.86 -6.61
CA ILE A 116 10.42 3.74 -8.06
C ILE A 116 9.35 4.61 -8.73
N VAL A 117 9.77 5.54 -9.57
CA VAL A 117 8.82 6.35 -10.32
C VAL A 117 8.91 5.97 -11.81
N VAL A 118 7.75 5.84 -12.45
CA VAL A 118 7.71 5.44 -13.85
C VAL A 118 7.26 6.65 -14.69
N PHE A 119 8.05 6.99 -15.71
CA PHE A 119 7.76 8.13 -16.59
C PHE A 119 7.50 7.66 -18.00
N ASP A 120 6.60 8.35 -18.71
CA ASP A 120 6.35 7.99 -20.10
C ASP A 120 7.36 8.67 -21.01
N GLU A 121 7.18 8.49 -22.31
CA GLU A 121 8.15 8.98 -23.30
C GLU A 121 8.12 10.49 -23.45
N GLN A 122 7.27 11.17 -22.67
CA GLN A 122 7.25 12.62 -22.67
C GLN A 122 7.78 13.15 -21.34
N GLY A 123 8.30 12.24 -20.53
CA GLY A 123 8.81 12.60 -19.21
C GLY A 123 7.77 12.81 -18.12
N ARG A 124 6.51 12.47 -18.38
CA ARG A 124 5.46 12.69 -17.38
C ARG A 124 5.36 11.51 -16.42
N ARG A 125 5.15 11.82 -15.14
CA ARG A 125 4.99 10.79 -14.10
C ARG A 125 3.70 10.03 -14.32
N CYS A 126 3.81 8.73 -14.54
N CYS A 126 3.80 8.73 -14.58
CA CYS A 126 2.63 7.89 -14.74
CA CYS A 126 2.61 7.91 -14.76
C CYS A 126 2.36 6.90 -13.60
C CYS A 126 2.35 6.98 -13.58
N CYS A 127 3.39 6.59 -12.82
N CYS A 127 3.41 6.60 -12.86
CA CYS A 127 3.25 5.67 -11.70
CA CYS A 127 3.30 5.70 -11.71
C CYS A 127 4.27 5.98 -10.61
C CYS A 127 4.27 6.06 -10.60
N THR A 128 3.80 6.02 -9.36
CA THR A 128 4.69 6.13 -8.21
C THR A 128 4.56 4.85 -7.40
N CYS A 129 5.68 4.17 -7.17
CA CYS A 129 5.67 2.93 -6.39
C CYS A 129 6.63 3.03 -5.22
N ARG A 130 6.41 2.18 -4.23
CA ARG A 130 7.35 2.00 -3.13
C ARG A 130 7.48 0.51 -2.91
N LEU A 131 8.71 0.04 -2.80
CA LEU A 131 8.98 -1.38 -2.57
C LEU A 131 9.74 -1.55 -1.26
N GLY A 132 9.18 -2.36 -0.36
CA GLY A 132 9.91 -2.76 0.82
C GLY A 132 10.61 -4.08 0.54
N THR A 133 11.85 -4.20 1.01
CA THR A 133 12.59 -5.46 0.85
C THR A 133 13.09 -6.02 2.18
N ALA A 134 13.42 -7.31 2.16
CA ALA A 134 14.13 -7.96 3.26
C ALA A 134 15.51 -8.37 2.76
N VAL A 135 16.53 -8.10 3.58
CA VAL A 135 17.87 -8.61 3.32
C VAL A 135 18.01 -9.92 4.10
N LEU A 136 18.22 -11.03 3.38
CA LEU A 136 18.32 -12.33 4.02
C LEU A 136 19.76 -12.86 3.98
N GLY A 137 20.14 -13.63 4.99
CA GLY A 137 21.48 -14.19 5.05
C GLY A 137 22.49 -13.23 5.65
N MET B 1 2.66 29.47 -4.85
CA MET B 1 1.54 28.84 -4.17
C MET B 1 0.56 28.19 -5.16
N ILE B 2 0.55 26.86 -5.18
CA ILE B 2 -0.33 26.09 -6.06
C ILE B 2 -1.78 26.14 -5.58
N TRP B 3 -1.95 26.43 -4.30
CA TRP B 3 -3.24 26.31 -3.62
C TRP B 3 -4.34 27.14 -4.27
N LYS B 4 -5.54 26.58 -4.32
CA LYS B 4 -6.69 27.30 -4.88
C LYS B 4 -7.50 27.96 -3.76
N ARG B 5 -7.46 27.35 -2.57
CA ARG B 5 -7.90 28.02 -1.35
C ARG B 5 -6.67 28.20 -0.50
N HIS B 6 -6.09 29.39 -0.50
CA HIS B 6 -4.88 29.62 0.29
C HIS B 6 -5.22 30.05 1.72
N LEU B 7 -5.23 29.09 2.63
CA LEU B 7 -5.52 29.36 4.04
C LEU B 7 -4.27 29.91 4.75
N THR B 8 -4.46 30.56 5.90
CA THR B 8 -3.30 30.92 6.71
C THR B 8 -3.03 29.76 7.64
N LEU B 9 -1.85 29.71 8.25
CA LEU B 9 -1.59 28.67 9.25
C LEU B 9 -2.55 28.80 10.42
N ASP B 10 -2.99 30.03 10.72
CA ASP B 10 -3.98 30.19 11.77
C ASP B 10 -5.31 29.53 11.41
N GLU B 11 -5.74 29.73 10.17
CA GLU B 11 -7.00 29.13 9.71
C GLU B 11 -6.89 27.61 9.68
N LEU B 12 -5.78 27.10 9.17
CA LEU B 12 -5.50 25.66 9.15
C LEU B 12 -5.58 25.09 10.56
N ASN B 13 -4.85 25.71 11.48
CA ASN B 13 -4.88 25.26 12.88
C ASN B 13 -6.22 25.41 13.56
N ALA B 14 -7.05 26.34 13.09
CA ALA B 14 -8.39 26.47 13.64
C ALA B 14 -9.30 25.33 13.19
N THR B 15 -9.06 24.77 12.01
CA THR B 15 -9.89 23.65 11.50
C THR B 15 -9.74 22.40 12.35
N SER B 16 -8.66 22.33 13.13
CA SER B 16 -8.39 21.14 13.95
C SER B 16 -9.26 21.04 15.19
N ASP B 17 -9.87 22.15 15.58
CA ASP B 17 -10.67 22.21 16.80
C ASP B 17 -11.68 21.06 16.88
N ASN B 18 -11.69 20.37 18.02
CA ASN B 18 -12.57 19.23 18.26
C ASN B 18 -12.56 18.19 17.16
N THR B 19 -11.37 17.92 16.64
CA THR B 19 -11.14 16.78 15.77
C THR B 19 -9.94 16.00 16.29
N MET B 20 -9.68 14.86 15.66
CA MET B 20 -8.54 14.01 15.98
C MET B 20 -7.25 14.78 15.79
N VAL B 21 -7.27 15.79 14.92
CA VAL B 21 -6.06 16.57 14.66
C VAL B 21 -5.59 17.30 15.92
N ALA B 22 -6.50 18.02 16.58
CA ALA B 22 -6.16 18.71 17.83
C ALA B 22 -5.98 17.69 18.96
N HIS B 23 -6.72 16.59 18.88
CA HIS B 23 -6.66 15.57 19.92
C HIS B 23 -5.28 14.92 20.01
N LEU B 24 -4.58 14.84 18.87
CA LEU B 24 -3.22 14.30 18.83
C LEU B 24 -2.13 15.37 18.91
N GLY B 25 -2.52 16.63 19.08
CA GLY B 25 -1.54 17.69 19.25
C GLY B 25 -0.87 18.09 17.96
N ILE B 26 -1.49 17.77 16.84
CA ILE B 26 -0.93 18.14 15.54
C ILE B 26 -1.13 19.63 15.28
N VAL B 27 -0.05 20.32 14.92
N VAL B 27 -0.04 20.30 14.90
CA VAL B 27 -0.14 21.72 14.59
CA VAL B 27 -0.03 21.73 14.63
C VAL B 27 0.62 22.01 13.31
C VAL B 27 0.63 21.98 13.28
N TYR B 28 -0.06 22.67 12.38
CA TYR B 28 0.53 23.00 11.09
C TYR B 28 1.58 24.10 11.30
N THR B 29 2.75 23.92 10.70
CA THR B 29 3.92 24.77 11.00
C THR B 29 4.47 25.47 9.76
N ARG B 30 4.13 24.97 8.59
CA ARG B 30 4.65 25.56 7.37
C ARG B 30 3.66 25.38 6.22
N LEU B 31 3.43 26.46 5.48
CA LEU B 31 2.62 26.37 4.28
C LEU B 31 3.37 27.12 3.20
N GLY B 32 4.08 26.37 2.36
CA GLY B 32 4.87 26.99 1.31
C GLY B 32 4.17 26.89 -0.04
N ASP B 33 4.90 27.19 -1.11
CA ASP B 33 4.31 27.21 -2.46
C ASP B 33 3.67 25.88 -2.85
N ASP B 34 4.33 24.77 -2.47
CA ASP B 34 3.78 23.45 -2.76
C ASP B 34 4.12 22.42 -1.68
N VAL B 35 4.12 22.86 -0.43
CA VAL B 35 4.47 21.97 0.66
C VAL B 35 3.69 22.41 1.90
N LEU B 36 3.17 21.43 2.64
CA LEU B 36 2.45 21.68 3.89
C LEU B 36 3.14 20.83 4.94
N GLU B 37 3.43 21.43 6.09
N GLU B 37 3.49 21.44 6.07
CA GLU B 37 4.18 20.74 7.14
CA GLU B 37 4.19 20.71 7.13
C GLU B 37 3.46 20.86 8.48
C GLU B 37 3.43 20.83 8.44
N ALA B 38 3.52 19.79 9.27
CA ALA B 38 2.92 19.82 10.60
C ALA B 38 3.80 19.06 11.57
N GLU B 39 3.74 19.42 12.85
CA GLU B 39 4.49 18.73 13.89
C GLU B 39 3.53 17.97 14.78
N MET B 40 4.00 16.87 15.38
CA MET B 40 3.17 16.07 16.26
C MET B 40 4.00 15.56 17.42
N PRO B 41 3.49 15.71 18.64
CA PRO B 41 4.23 15.26 19.82
C PRO B 41 4.35 13.75 19.92
N VAL B 42 5.44 13.28 20.50
CA VAL B 42 5.58 11.88 20.86
C VAL B 42 5.45 11.75 22.38
N ASP B 43 4.22 11.52 22.84
CA ASP B 43 3.94 11.43 24.28
C ASP B 43 2.75 10.50 24.52
N THR B 44 2.11 10.57 25.69
CA THR B 44 1.02 9.62 25.99
C THR B 44 -0.15 9.65 25.00
N ARG B 45 -0.36 10.79 24.36
CA ARG B 45 -1.41 10.93 23.33
C ARG B 45 -1.16 10.10 22.08
N THR B 46 0.12 9.88 21.76
CA THR B 46 0.52 9.24 20.50
C THR B 46 1.39 7.98 20.68
N HIS B 47 1.59 7.57 21.92
CA HIS B 47 2.41 6.38 22.24
C HIS B 47 1.69 5.07 21.97
N GLN B 48 2.44 4.00 21.69
CA GLN B 48 1.90 2.63 21.77
C GLN B 48 2.31 2.03 23.14
N PRO B 49 1.78 0.85 23.51
CA PRO B 49 2.00 0.38 24.90
C PRO B 49 3.45 0.11 25.35
N PHE B 50 4.42 0.23 24.44
CA PHE B 50 5.80 -0.15 24.76
C PHE B 50 6.77 1.02 24.66
N GLY B 51 6.23 2.24 24.70
CA GLY B 51 7.06 3.44 24.73
C GLY B 51 7.48 4.04 23.39
N LEU B 52 6.93 3.51 22.29
CA LEU B 52 7.24 4.08 20.97
C LEU B 52 6.10 4.93 20.42
N LEU B 53 6.42 5.77 19.45
CA LEU B 53 5.40 6.41 18.64
C LEU B 53 4.58 5.32 17.97
N HIS B 54 3.26 5.40 18.15
CA HIS B 54 2.31 4.49 17.51
C HIS B 54 2.37 4.71 15.99
N GLY B 55 2.47 3.64 15.22
CA GLY B 55 2.52 3.77 13.77
C GLY B 55 1.25 4.39 13.25
N GLY B 56 0.16 4.18 14.00
CA GLY B 56 -1.11 4.80 13.67
C GLY B 56 -1.11 6.32 13.77
N ALA B 57 -0.23 6.87 14.62
CA ALA B 57 -0.18 8.32 14.76
C ALA B 57 0.50 8.92 13.52
N SER B 58 1.55 8.28 13.05
CA SER B 58 2.21 8.71 11.82
C SER B 58 1.24 8.64 10.64
N ALA B 59 0.48 7.54 10.58
CA ALA B 59 -0.55 7.39 9.54
C ALA B 59 -1.60 8.48 9.63
N ALA B 60 -2.03 8.82 10.85
CA ALA B 60 -3.02 9.87 11.02
C ALA B 60 -2.45 11.24 10.61
N LEU B 61 -1.20 11.47 11.00
CA LEU B 61 -0.52 12.70 10.60
C LEU B 61 -0.46 12.79 9.09
N ALA B 62 -0.12 11.68 8.44
CA ALA B 62 -0.04 11.70 6.98
C ALA B 62 -1.41 11.90 6.32
N GLU B 63 -2.44 11.20 6.80
CA GLU B 63 -3.74 11.41 6.16
C GLU B 63 -4.26 12.81 6.44
N THR B 64 -3.92 13.35 7.61
CA THR B 64 -4.27 14.74 7.91
C THR B 64 -3.64 15.70 6.91
N LEU B 65 -2.35 15.56 6.70
CA LEU B 65 -1.62 16.48 5.81
C LEU B 65 -2.09 16.35 4.36
N GLY B 66 -2.13 15.11 3.84
CA GLY B 66 -2.53 14.89 2.46
C GLY B 66 -3.91 15.43 2.16
N SER B 67 -4.85 15.22 3.08
CA SER B 67 -6.22 15.65 2.92
C SER B 67 -6.44 17.17 3.00
N MET B 68 -5.70 17.85 3.87
CA MET B 68 -5.84 19.31 3.95
C MET B 68 -5.15 20.00 2.78
N ALA B 69 -3.99 19.50 2.39
CA ALA B 69 -3.35 19.97 1.16
C ALA B 69 -4.32 19.76 -0.01
N GLY B 70 -4.93 18.58 -0.06
CA GLY B 70 -5.92 18.28 -1.08
C GLY B 70 -7.09 19.26 -1.08
N PHE B 71 -7.61 19.55 0.12
CA PHE B 71 -8.66 20.54 0.31
C PHE B 71 -8.26 21.91 -0.26
N MET B 72 -7.02 22.30 -0.03
CA MET B 72 -6.55 23.60 -0.51
C MET B 72 -6.32 23.63 -2.02
N MET B 73 -6.37 22.46 -2.66
CA MET B 73 -6.23 22.39 -4.11
C MET B 73 -7.58 22.38 -4.80
N THR B 74 -8.64 22.59 -4.04
CA THR B 74 -10.00 22.53 -4.59
C THR B 74 -10.80 23.78 -4.28
N ARG B 75 -12.00 23.87 -4.86
CA ARG B 75 -12.82 25.07 -4.78
C ARG B 75 -14.10 24.88 -3.95
N ASP B 76 -14.62 25.97 -3.41
CA ASP B 76 -15.84 25.96 -2.60
C ASP B 76 -16.96 25.13 -3.22
N GLY B 77 -17.49 24.20 -2.43
CA GLY B 77 -18.43 23.21 -2.93
C GLY B 77 -17.73 21.87 -2.88
N GLN B 78 -16.51 21.85 -3.42
CA GLN B 78 -15.72 20.62 -3.46
C GLN B 78 -15.29 20.14 -2.07
N CYS B 79 -15.23 18.82 -1.93
CA CYS B 79 -14.76 18.16 -0.73
C CYS B 79 -13.68 17.16 -1.12
N VAL B 80 -12.68 16.97 -0.26
CA VAL B 80 -11.61 16.02 -0.52
C VAL B 80 -11.63 14.92 0.54
N VAL B 81 -11.70 13.66 0.12
CA VAL B 81 -11.63 12.54 1.05
C VAL B 81 -10.41 11.67 0.74
N GLY B 82 -9.83 11.07 1.77
CA GLY B 82 -8.74 10.13 1.55
C GLY B 82 -9.30 8.79 1.10
N THR B 83 -8.68 8.15 0.11
CA THR B 83 -9.20 6.87 -0.38
C THR B 83 -8.20 5.74 -0.20
N GLU B 84 -6.93 6.05 -0.38
N GLU B 84 -6.91 6.00 -0.43
CA GLU B 84 -5.89 5.05 -0.23
CA GLU B 84 -5.87 4.98 -0.31
C GLU B 84 -4.68 5.55 0.53
C GLU B 84 -4.69 5.51 0.50
N LEU B 85 -4.37 4.86 1.62
CA LEU B 85 -3.24 5.24 2.44
C LEU B 85 -2.26 4.08 2.53
N ASN B 86 -0.97 4.38 2.36
CA ASN B 86 0.02 3.39 2.77
C ASN B 86 1.14 4.05 3.52
N ALA B 87 1.86 3.28 4.34
CA ALA B 87 2.87 3.83 5.24
C ALA B 87 3.94 2.78 5.49
N THR B 88 5.19 3.16 5.35
CA THR B 88 6.30 2.28 5.73
C THR B 88 6.99 2.89 6.94
N HIS B 89 7.06 2.15 8.05
CA HIS B 89 7.71 2.64 9.27
C HIS B 89 9.18 2.22 9.29
N HIS B 90 10.06 3.17 8.99
CA HIS B 90 11.49 2.89 8.79
C HIS B 90 12.27 2.85 10.09
N ARG B 91 11.92 3.73 11.03
CA ARG B 91 12.66 3.90 12.27
C ARG B 91 11.73 4.19 13.41
N PRO B 92 12.02 3.62 14.59
CA PRO B 92 11.17 3.89 15.75
C PRO B 92 11.45 5.28 16.31
N VAL B 93 10.47 5.86 17.00
CA VAL B 93 10.62 7.15 17.65
C VAL B 93 10.08 7.01 19.08
N SER B 94 10.81 7.53 20.07
CA SER B 94 10.37 7.33 21.46
C SER B 94 10.12 8.64 22.21
N GLU B 95 10.68 9.74 21.71
CA GLU B 95 10.41 11.04 22.32
C GLU B 95 10.61 12.24 21.38
N GLY B 96 10.20 13.42 21.85
CA GLY B 96 10.31 14.63 21.05
C GLY B 96 9.04 14.93 20.26
N LYS B 97 9.24 15.57 19.12
CA LYS B 97 8.19 15.82 18.14
C LYS B 97 8.62 15.20 16.81
N VAL B 98 7.67 14.72 16.01
CA VAL B 98 7.98 14.36 14.63
C VAL B 98 7.41 15.44 13.73
N ARG B 99 7.90 15.49 12.49
CA ARG B 99 7.52 16.57 11.58
C ARG B 99 7.11 15.91 10.28
N GLY B 100 5.88 16.12 9.83
CA GLY B 100 5.43 15.52 8.59
C GLY B 100 5.51 16.53 7.47
N VAL B 101 6.02 16.11 6.31
CA VAL B 101 6.18 17.03 5.20
C VAL B 101 5.42 16.51 3.99
N CYS B 102 4.45 17.29 3.53
CA CYS B 102 3.52 16.82 2.51
C CYS B 102 3.70 17.59 1.22
N GLN B 103 3.95 16.87 0.13
CA GLN B 103 4.16 17.46 -1.19
C GLN B 103 3.34 16.70 -2.24
N PRO B 104 2.93 17.38 -3.31
CA PRO B 104 2.10 16.69 -4.31
C PRO B 104 2.90 15.79 -5.23
N LEU B 105 2.33 14.63 -5.54
CA LEU B 105 2.89 13.73 -6.55
C LEU B 105 2.07 13.84 -7.83
N HIS B 106 0.76 13.88 -7.70
CA HIS B 106 -0.09 14.04 -8.88
C HIS B 106 -1.32 14.83 -8.49
N LEU B 107 -1.60 15.90 -9.23
CA LEU B 107 -2.79 16.67 -8.98
C LEU B 107 -3.74 16.54 -10.17
N GLY B 108 -4.65 15.59 -10.07
CA GLY B 108 -5.63 15.38 -11.11
C GLY B 108 -6.89 16.14 -10.77
N ARG B 109 -7.87 16.03 -11.66
CA ARG B 109 -9.10 16.78 -11.52
C ARG B 109 -10.09 16.05 -10.60
N GLN B 110 -10.03 14.72 -10.59
CA GLN B 110 -10.91 13.92 -9.72
C GLN B 110 -10.14 13.14 -8.64
N ASN B 111 -8.84 12.94 -8.86
CA ASN B 111 -8.00 12.22 -7.90
C ASN B 111 -6.66 12.90 -7.67
N GLN B 112 -6.17 12.83 -6.43
CA GLN B 112 -4.83 13.34 -6.14
C GLN B 112 -3.96 12.27 -5.50
N SER B 113 -2.64 12.43 -5.62
CA SER B 113 -1.69 11.60 -4.88
C SER B 113 -0.70 12.50 -4.14
N TRP B 114 -0.59 12.30 -2.83
CA TRP B 114 0.29 13.08 -1.97
C TRP B 114 1.37 12.22 -1.33
N GLU B 115 2.60 12.74 -1.30
CA GLU B 115 3.66 12.12 -0.52
C GLU B 115 3.73 12.76 0.88
N ILE B 116 3.83 11.95 1.94
CA ILE B 116 4.09 12.51 3.26
C ILE B 116 5.27 11.79 3.89
N VAL B 117 6.31 12.55 4.20
CA VAL B 117 7.48 11.97 4.86
C VAL B 117 7.47 12.48 6.29
N VAL B 118 7.72 11.57 7.23
CA VAL B 118 7.75 11.97 8.64
C VAL B 118 9.18 11.88 9.14
N PHE B 119 9.65 12.97 9.72
CA PHE B 119 11.03 13.07 10.20
C PHE B 119 11.04 13.15 11.71
N ASP B 120 12.03 12.55 12.36
CA ASP B 120 12.18 12.76 13.80
C ASP B 120 12.93 14.07 14.05
N GLU B 121 13.18 14.38 15.33
CA GLU B 121 13.82 15.66 15.68
C GLU B 121 15.25 15.82 15.15
N GLN B 122 15.95 14.72 14.96
CA GLN B 122 17.29 14.75 14.35
C GLN B 122 17.21 14.93 12.83
N GLY B 123 16.01 14.94 12.28
CA GLY B 123 15.85 15.07 10.85
C GLY B 123 15.97 13.77 10.08
N ARG B 124 15.85 12.64 10.76
CA ARG B 124 15.92 11.34 10.10
C ARG B 124 14.55 10.88 9.65
N ARG B 125 14.47 10.31 8.46
N ARG B 125 14.50 10.30 8.46
CA ARG B 125 13.21 9.77 7.94
CA ARG B 125 13.28 9.72 7.90
C ARG B 125 12.77 8.56 8.77
C ARG B 125 12.81 8.53 8.72
N CYS B 126 11.61 8.66 9.43
N CYS B 126 11.67 8.67 9.40
CA CYS B 126 11.11 7.55 10.23
CA CYS B 126 11.13 7.57 10.19
C CYS B 126 9.89 6.89 9.59
C CYS B 126 9.93 6.88 9.53
N CYS B 127 9.23 7.60 8.67
N CYS B 127 9.19 7.62 8.69
CA CYS B 127 8.05 7.04 7.99
CA CYS B 127 8.05 7.06 7.96
C CYS B 127 7.84 7.66 6.61
C CYS B 127 7.93 7.66 6.57
N THR B 128 7.54 6.82 5.62
CA THR B 128 7.17 7.32 4.29
C THR B 128 5.74 6.87 3.99
N CYS B 129 4.88 7.82 3.64
CA CYS B 129 3.49 7.54 3.31
C CYS B 129 3.10 8.09 1.93
N ARG B 130 2.09 7.48 1.32
CA ARG B 130 1.52 8.06 0.11
C ARG B 130 0.03 8.00 0.35
N LEU B 131 -0.67 9.11 0.11
CA LEU B 131 -2.11 9.16 0.26
C LEU B 131 -2.76 9.51 -1.08
N GLY B 132 -3.68 8.66 -1.52
CA GLY B 132 -4.52 8.98 -2.66
C GLY B 132 -5.80 9.62 -2.14
N THR B 133 -6.30 10.63 -2.84
CA THR B 133 -7.52 11.31 -2.42
C THR B 133 -8.50 11.37 -3.60
N ALA B 134 -9.77 11.58 -3.27
CA ALA B 134 -10.78 11.84 -4.28
C ALA B 134 -11.38 13.24 -4.05
N VAL B 135 -11.55 13.98 -5.15
CA VAL B 135 -12.21 15.27 -5.14
C VAL B 135 -13.69 15.09 -5.48
N LEU B 136 -14.56 15.52 -4.58
CA LEU B 136 -16.01 15.54 -4.78
C LEU B 136 -16.46 16.97 -4.53
N GLY B 137 -17.49 17.46 -5.20
CA GLY B 137 -18.11 16.80 -6.32
C GLY B 137 -18.14 17.83 -7.43
N MET C 1 -4.95 -23.21 19.06
CA MET C 1 -5.05 -21.76 18.85
C MET C 1 -3.73 -21.19 18.37
N ILE C 2 -3.80 -20.06 17.66
CA ILE C 2 -2.61 -19.49 17.05
C ILE C 2 -1.73 -18.76 18.06
N TRP C 3 -2.34 -18.19 19.10
CA TRP C 3 -1.60 -17.37 20.06
C TRP C 3 -0.51 -18.16 20.79
N LYS C 4 0.58 -17.47 21.14
CA LYS C 4 1.66 -18.05 21.93
C LYS C 4 1.57 -17.46 23.34
N ARG C 5 1.24 -16.18 23.39
CA ARG C 5 1.00 -15.50 24.65
C ARG C 5 -0.48 -15.59 24.93
N HIS C 6 -0.83 -16.08 26.11
CA HIS C 6 -2.23 -16.11 26.49
C HIS C 6 -2.54 -14.93 27.40
N LEU C 7 -3.27 -13.98 26.85
CA LEU C 7 -3.73 -12.81 27.58
C LEU C 7 -5.25 -12.80 27.54
N THR C 8 -5.86 -12.10 28.48
CA THR C 8 -7.31 -11.95 28.47
C THR C 8 -7.67 -10.58 27.90
N LEU C 9 -8.94 -10.37 27.57
CA LEU C 9 -9.40 -9.06 27.13
C LEU C 9 -9.09 -7.96 28.13
N ASP C 10 -9.33 -8.22 29.42
CA ASP C 10 -9.06 -7.23 30.45
C ASP C 10 -7.58 -6.86 30.44
N GLU C 11 -6.71 -7.87 30.31
CA GLU C 11 -5.27 -7.64 30.25
C GLU C 11 -4.91 -6.81 29.02
N LEU C 12 -5.50 -7.15 27.87
CA LEU C 12 -5.22 -6.39 26.64
C LEU C 12 -5.68 -4.94 26.76
N ASN C 13 -6.90 -4.75 27.25
CA ASN C 13 -7.41 -3.40 27.48
C ASN C 13 -6.59 -2.55 28.45
N ALA C 14 -5.97 -3.19 29.43
CA ALA C 14 -5.11 -2.46 30.37
C ALA C 14 -3.83 -1.93 29.70
N THR C 15 -3.38 -2.60 28.64
CA THR C 15 -2.17 -2.18 27.97
C THR C 15 -2.39 -0.83 27.27
N SER C 16 -3.66 -0.53 27.00
CA SER C 16 -4.06 0.66 26.23
C SER C 16 -4.02 1.94 27.03
N ASP C 17 -4.21 1.81 28.34
CA ASP C 17 -4.46 2.97 29.15
C ASP C 17 -3.28 3.96 29.16
N ASN C 18 -3.61 5.25 29.01
CA ASN C 18 -2.64 6.33 28.87
C ASN C 18 -1.66 6.14 27.71
N THR C 19 -2.14 5.51 26.65
CA THR C 19 -1.45 5.50 25.34
C THR C 19 -2.46 6.02 24.31
N MET C 20 -2.02 6.15 23.06
CA MET C 20 -2.92 6.54 21.99
C MET C 20 -4.15 5.63 21.86
N VAL C 21 -4.00 4.36 22.22
CA VAL C 21 -5.12 3.43 22.10
C VAL C 21 -6.35 3.85 22.94
N ALA C 22 -6.14 4.11 24.21
CA ALA C 22 -7.23 4.61 25.06
C ALA C 22 -7.59 6.06 24.72
N HIS C 23 -6.60 6.81 24.22
CA HIS C 23 -6.80 8.21 23.89
C HIS C 23 -7.84 8.34 22.78
N LEU C 24 -7.93 7.33 21.92
CA LEU C 24 -8.91 7.31 20.83
C LEU C 24 -10.17 6.51 21.16
N GLY C 25 -10.27 6.02 22.40
CA GLY C 25 -11.46 5.28 22.79
C GLY C 25 -11.53 3.87 22.24
N ILE C 26 -10.39 3.34 21.80
CA ILE C 26 -10.32 1.97 21.31
C ILE C 26 -10.39 0.94 22.45
N VAL C 27 -11.33 0.00 22.30
CA VAL C 27 -11.55 -1.05 23.29
C VAL C 27 -11.58 -2.43 22.62
N TYR C 28 -10.74 -3.35 23.10
CA TYR C 28 -10.76 -4.71 22.59
C TYR C 28 -12.01 -5.41 23.09
N THR C 29 -12.76 -6.00 22.17
CA THR C 29 -14.09 -6.51 22.46
C THR C 29 -14.22 -8.01 22.20
N ARG C 30 -13.23 -8.59 21.52
CA ARG C 30 -13.24 -10.05 21.31
C ARG C 30 -11.87 -10.66 21.08
N LEU C 31 -11.61 -11.78 21.74
CA LEU C 31 -10.36 -12.51 21.55
C LEU C 31 -10.67 -13.96 21.22
N GLY C 32 -10.65 -14.28 19.93
CA GLY C 32 -10.96 -15.63 19.48
C GLY C 32 -9.70 -16.45 19.32
N ASP C 33 -9.86 -17.64 18.73
CA ASP C 33 -8.73 -18.52 18.49
C ASP C 33 -7.81 -17.96 17.41
N ASP C 34 -8.41 -17.30 16.42
CA ASP C 34 -7.67 -16.76 15.28
C ASP C 34 -8.13 -15.33 14.97
N VAL C 35 -8.70 -14.64 15.95
CA VAL C 35 -9.24 -13.31 15.70
C VAL C 35 -9.10 -12.39 16.91
N LEU C 36 -8.72 -11.14 16.65
CA LEU C 36 -8.73 -10.08 17.66
C LEU C 36 -9.59 -8.94 17.18
N GLU C 37 -10.55 -8.52 18.01
CA GLU C 37 -11.48 -7.46 17.61
C GLU C 37 -11.45 -6.27 18.57
N ALA C 38 -11.67 -5.07 18.04
CA ALA C 38 -11.77 -3.87 18.86
C ALA C 38 -12.78 -2.89 18.29
N GLU C 39 -13.37 -2.08 19.17
CA GLU C 39 -14.29 -1.02 18.73
C GLU C 39 -13.71 0.39 19.01
N MET C 40 -14.20 1.38 18.28
CA MET C 40 -13.69 2.75 18.37
C MET C 40 -14.80 3.73 18.05
N PRO C 41 -15.00 4.76 18.91
CA PRO C 41 -16.08 5.70 18.65
C PRO C 41 -15.79 6.62 17.49
N VAL C 42 -16.84 7.12 16.86
CA VAL C 42 -16.73 8.21 15.90
C VAL C 42 -17.24 9.45 16.62
N ASP C 43 -16.32 10.23 17.17
CA ASP C 43 -16.69 11.48 17.85
C ASP C 43 -15.58 12.51 17.68
N THR C 44 -15.53 13.50 18.55
CA THR C 44 -14.55 14.58 18.36
C THR C 44 -13.11 14.11 18.48
N ARG C 45 -12.90 12.96 19.12
CA ARG C 45 -11.56 12.40 19.26
C ARG C 45 -11.08 11.76 17.96
N THR C 46 -12.02 11.33 17.11
CA THR C 46 -11.66 10.59 15.89
C THR C 46 -12.19 11.24 14.61
N HIS C 47 -12.79 12.41 14.73
CA HIS C 47 -13.33 13.15 13.56
C HIS C 47 -12.26 13.83 12.72
N GLN C 48 -12.59 14.10 11.46
CA GLN C 48 -11.83 15.05 10.67
C GLN C 48 -12.68 16.34 10.62
N PRO C 49 -12.15 17.46 10.06
CA PRO C 49 -12.83 18.74 10.24
C PRO C 49 -14.21 18.92 9.56
N PHE C 50 -14.63 17.97 8.75
CA PHE C 50 -15.90 18.10 8.06
C PHE C 50 -16.95 17.07 8.52
N GLY C 51 -16.76 16.55 9.73
CA GLY C 51 -17.75 15.72 10.40
C GLY C 51 -17.68 14.22 10.17
N LEU C 52 -16.68 13.76 9.41
CA LEU C 52 -16.53 12.33 9.12
C LEU C 52 -15.52 11.69 10.06
N LEU C 53 -15.57 10.38 10.16
CA LEU C 53 -14.49 9.60 10.78
C LEU C 53 -13.18 9.90 10.03
N HIS C 54 -12.15 10.34 10.76
CA HIS C 54 -10.81 10.58 10.20
C HIS C 54 -10.23 9.26 9.70
N GLY C 55 -9.75 9.24 8.46
CA GLY C 55 -9.16 8.03 7.93
C GLY C 55 -7.97 7.54 8.73
N GLY C 56 -7.22 8.46 9.33
CA GLY C 56 -6.12 8.10 10.23
C GLY C 56 -6.57 7.32 11.47
N ALA C 57 -7.81 7.54 11.89
CA ALA C 57 -8.31 6.81 13.06
C ALA C 57 -8.53 5.33 12.73
N SER C 58 -9.13 5.09 11.56
CA SER C 58 -9.26 3.71 11.08
C SER C 58 -7.89 3.07 10.91
N ALA C 59 -6.93 3.84 10.39
CA ALA C 59 -5.58 3.33 10.23
C ALA C 59 -4.93 2.99 11.57
N ALA C 60 -5.12 3.86 12.56
CA ALA C 60 -4.58 3.64 13.90
C ALA C 60 -5.23 2.42 14.53
N LEU C 61 -6.53 2.29 14.32
CA LEU C 61 -7.25 1.12 14.80
C LEU C 61 -6.67 -0.16 14.18
N ALA C 62 -6.40 -0.13 12.87
CA ALA C 62 -5.79 -1.29 12.24
C ALA C 62 -4.39 -1.60 12.75
N GLU C 63 -3.52 -0.58 12.89
CA GLU C 63 -2.17 -0.86 13.35
C GLU C 63 -2.18 -1.36 14.80
N THR C 64 -3.14 -0.86 15.58
CA THR C 64 -3.29 -1.29 16.96
C THR C 64 -3.58 -2.80 17.01
N LEU C 65 -4.62 -3.20 16.28
CA LEU C 65 -5.02 -4.61 16.23
C LEU C 65 -3.93 -5.56 15.72
N GLY C 66 -3.31 -5.23 14.58
CA GLY C 66 -2.34 -6.14 14.00
C GLY C 66 -1.08 -6.26 14.83
N SER C 67 -0.68 -5.16 15.44
CA SER C 67 0.50 -5.13 16.29
C SER C 67 0.25 -5.89 17.60
N MET C 68 -0.94 -5.74 18.16
CA MET C 68 -1.21 -6.46 19.41
C MET C 68 -1.45 -7.94 19.17
N ALA C 69 -2.05 -8.26 18.04
CA ALA C 69 -2.17 -9.65 17.64
C ALA C 69 -0.78 -10.23 17.40
N GLY C 70 0.08 -9.44 16.77
CA GLY C 70 1.46 -9.86 16.55
C GLY C 70 2.19 -10.10 17.85
N PHE C 71 1.95 -9.25 18.83
CA PHE C 71 2.57 -9.39 20.13
C PHE C 71 2.22 -10.73 20.79
N MET C 72 0.96 -11.13 20.67
CA MET C 72 0.52 -12.42 21.23
C MET C 72 1.05 -13.64 20.45
N MET C 73 1.89 -13.38 19.44
CA MET C 73 2.55 -14.43 18.67
C MET C 73 4.00 -14.58 19.09
N THR C 74 4.42 -13.73 20.03
CA THR C 74 5.80 -13.74 20.47
C THR C 74 5.99 -14.61 21.69
N ARG C 75 7.14 -15.29 21.75
CA ARG C 75 7.59 -15.92 22.97
C ARG C 75 8.20 -14.80 23.82
N ASP C 76 8.51 -15.10 25.07
CA ASP C 76 8.88 -14.05 26.02
C ASP C 76 10.20 -13.33 25.73
N GLY C 77 10.18 -12.01 25.89
CA GLY C 77 11.33 -11.19 25.60
C GLY C 77 11.27 -10.56 24.22
N GLN C 78 10.49 -11.17 23.33
CA GLN C 78 10.36 -10.69 21.94
C GLN C 78 9.43 -9.50 21.83
N CYS C 79 9.76 -8.59 20.91
CA CYS C 79 8.92 -7.44 20.60
C CYS C 79 8.37 -7.52 19.17
N VAL C 80 7.22 -6.90 18.97
CA VAL C 80 6.64 -6.75 17.63
C VAL C 80 6.52 -5.27 17.29
N VAL C 81 6.92 -4.91 16.06
CA VAL C 81 6.73 -3.56 15.56
C VAL C 81 6.01 -3.63 14.20
N GLY C 82 5.20 -2.61 13.92
CA GLY C 82 4.52 -2.51 12.65
C GLY C 82 5.48 -1.96 11.63
N THR C 83 5.53 -2.59 10.47
N THR C 83 5.50 -2.55 10.45
CA THR C 83 6.51 -2.17 9.48
CA THR C 83 6.45 -2.12 9.44
C THR C 83 5.86 -1.58 8.22
C THR C 83 5.79 -1.52 8.19
N GLU C 84 4.69 -2.09 7.86
N GLU C 84 4.69 -2.14 7.76
CA GLU C 84 4.00 -1.58 6.69
CA GLU C 84 3.99 -1.68 6.57
C GLU C 84 2.50 -1.62 6.86
C GLU C 84 2.49 -1.64 6.83
N LEU C 85 1.86 -0.51 6.54
CA LEU C 85 0.41 -0.38 6.72
C LEU C 85 -0.16 0.16 5.45
N ASN C 86 -1.28 -0.40 5.01
CA ASN C 86 -2.04 0.22 3.95
C ASN C 86 -3.51 0.13 4.31
N ALA C 87 -4.33 1.01 3.75
CA ALA C 87 -5.72 1.08 4.15
C ALA C 87 -6.48 1.64 2.98
N THR C 88 -7.65 1.06 2.71
CA THR C 88 -8.51 1.62 1.67
C THR C 88 -9.81 2.05 2.31
N HIS C 89 -10.19 3.32 2.14
CA HIS C 89 -11.40 3.84 2.78
C HIS C 89 -12.59 3.74 1.83
N HIS C 90 -13.45 2.76 2.06
CA HIS C 90 -14.54 2.44 1.14
C HIS C 90 -15.80 3.29 1.31
N ARG C 91 -16.13 3.61 2.55
CA ARG C 91 -17.39 4.26 2.90
C ARG C 91 -17.10 5.27 4.00
N PRO C 92 -17.73 6.44 3.91
CA PRO C 92 -17.57 7.39 5.01
C PRO C 92 -18.37 6.92 6.21
N VAL C 93 -17.97 7.36 7.40
CA VAL C 93 -18.73 7.11 8.62
C VAL C 93 -18.85 8.44 9.35
N SER C 94 -20.02 8.74 9.88
CA SER C 94 -20.16 10.05 10.55
C SER C 94 -20.62 9.96 12.01
N GLU C 95 -21.13 8.81 12.41
CA GLU C 95 -21.73 8.66 13.74
C GLU C 95 -21.53 7.26 14.32
N GLY C 96 -21.71 7.14 15.63
CA GLY C 96 -21.65 5.85 16.29
C GLY C 96 -20.24 5.34 16.55
N LYS C 97 -20.03 4.06 16.29
CA LYS C 97 -18.73 3.43 16.51
C LYS C 97 -18.40 2.48 15.36
N VAL C 98 -17.11 2.25 15.12
CA VAL C 98 -16.71 1.29 14.11
C VAL C 98 -16.09 0.09 14.79
N ARG C 99 -16.02 -1.03 14.08
CA ARG C 99 -15.53 -2.26 14.67
C ARG C 99 -14.45 -2.84 13.77
N GLY C 100 -13.27 -3.05 14.34
CA GLY C 100 -12.17 -3.62 13.57
C GLY C 100 -11.99 -5.09 13.90
N VAL C 101 -11.88 -5.93 12.86
CA VAL C 101 -11.67 -7.35 13.01
C VAL C 101 -10.33 -7.75 12.40
N CYS C 102 -9.44 -8.29 13.23
CA CYS C 102 -8.08 -8.62 12.81
C CYS C 102 -7.89 -10.12 12.72
N GLN C 103 -7.37 -10.60 11.59
CA GLN C 103 -7.14 -12.02 11.37
C GLN C 103 -5.81 -12.24 10.65
N PRO C 104 -5.18 -13.41 10.89
CA PRO C 104 -3.83 -13.63 10.35
C PRO C 104 -3.82 -14.01 8.87
N LEU C 105 -2.90 -13.43 8.11
CA LEU C 105 -2.66 -13.81 6.71
C LEU C 105 -1.38 -14.64 6.62
N HIS C 106 -0.36 -14.21 7.38
CA HIS C 106 0.90 -14.93 7.40
C HIS C 106 1.58 -14.84 8.75
N LEU C 107 1.95 -15.99 9.31
CA LEU C 107 2.65 -16.02 10.59
C LEU C 107 4.05 -16.64 10.40
N GLY C 108 5.02 -15.81 10.08
CA GLY C 108 6.38 -16.28 9.89
C GLY C 108 7.15 -16.09 11.18
N ARG C 109 8.41 -16.52 11.20
CA ARG C 109 9.20 -16.44 12.42
C ARG C 109 9.75 -15.03 12.68
N GLN C 110 9.90 -14.24 11.62
CA GLN C 110 10.47 -12.91 11.70
C GLN C 110 9.49 -11.84 11.22
N ASN C 111 8.56 -12.26 10.38
CA ASN C 111 7.58 -11.36 9.80
C ASN C 111 6.18 -11.95 9.88
N GLN C 112 5.19 -11.09 10.04
CA GLN C 112 3.78 -11.49 10.01
C GLN C 112 3.00 -10.53 9.14
N SER C 113 1.83 -10.98 8.68
CA SER C 113 0.91 -10.13 7.93
C SER C 113 -0.51 -10.29 8.47
N TRP C 114 -1.14 -9.17 8.80
CA TRP C 114 -2.49 -9.18 9.37
C TRP C 114 -3.48 -8.41 8.53
N GLU C 115 -4.70 -8.95 8.42
CA GLU C 115 -5.77 -8.24 7.74
C GLU C 115 -6.64 -7.61 8.79
N ILE C 116 -6.98 -6.33 8.63
CA ILE C 116 -7.94 -5.72 9.52
C ILE C 116 -9.05 -5.09 8.71
N VAL C 117 -10.29 -5.54 8.92
CA VAL C 117 -11.43 -4.95 8.27
C VAL C 117 -12.25 -4.17 9.28
N VAL C 118 -12.67 -2.96 8.90
CA VAL C 118 -13.36 -2.05 9.79
C VAL C 118 -14.78 -1.94 9.31
N PHE C 119 -15.73 -2.23 10.19
CA PHE C 119 -17.15 -2.19 9.89
C PHE C 119 -17.83 -1.08 10.67
N ASP C 120 -18.81 -0.43 10.08
CA ASP C 120 -19.57 0.60 10.80
C ASP C 120 -20.61 -0.09 11.67
N GLU C 121 -21.41 0.72 12.38
CA GLU C 121 -22.40 0.22 13.34
C GLU C 121 -23.63 -0.44 12.69
N GLN C 122 -23.71 -0.40 11.36
CA GLN C 122 -24.80 -1.11 10.66
C GLN C 122 -24.31 -2.41 10.02
N GLY C 123 -23.01 -2.70 10.18
CA GLY C 123 -22.45 -3.96 9.71
C GLY C 123 -21.86 -3.88 8.32
N ARG C 124 -21.67 -2.66 7.81
CA ARG C 124 -21.13 -2.46 6.48
C ARG C 124 -19.63 -2.22 6.53
N ARG C 125 -18.91 -2.80 5.57
CA ARG C 125 -17.46 -2.64 5.51
C ARG C 125 -17.14 -1.21 5.10
N CYS C 126 -16.31 -0.53 5.89
N CYS C 126 -16.34 -0.51 5.91
CA CYS C 126 -15.95 0.84 5.55
CA CYS C 126 -15.96 0.86 5.56
C CYS C 126 -14.48 1.01 5.22
C CYS C 126 -14.48 1.00 5.21
N CYS C 127 -13.65 0.08 5.68
N CYS C 127 -13.63 0.13 5.77
CA CYS C 127 -12.22 0.17 5.46
CA CYS C 127 -12.20 0.18 5.49
C CYS C 127 -11.59 -1.22 5.49
C CYS C 127 -11.61 -1.23 5.47
N THR C 128 -10.68 -1.46 4.56
CA THR C 128 -9.88 -2.69 4.57
C THR C 128 -8.42 -2.31 4.69
N CYS C 129 -7.74 -2.88 5.69
CA CYS C 129 -6.32 -2.62 5.90
C CYS C 129 -5.52 -3.91 5.92
N ARG C 130 -4.23 -3.78 5.67
CA ARG C 130 -3.32 -4.90 5.87
C ARG C 130 -2.12 -4.32 6.60
N LEU C 131 -1.62 -5.04 7.60
CA LEU C 131 -0.48 -4.60 8.40
C LEU C 131 0.58 -5.68 8.36
N GLY C 132 1.78 -5.31 7.94
CA GLY C 132 2.93 -6.18 8.07
C GLY C 132 3.65 -5.83 9.36
N THR C 133 4.14 -6.86 10.05
CA THR C 133 4.91 -6.62 11.28
C THR C 133 6.25 -7.35 11.25
N ALA C 134 7.15 -6.97 12.15
CA ALA C 134 8.41 -7.66 12.34
C ALA C 134 8.51 -8.14 13.78
N VAL C 135 8.99 -9.38 13.96
CA VAL C 135 9.24 -9.94 15.29
C VAL C 135 10.69 -9.69 15.68
N LEU C 136 10.91 -8.93 16.75
CA LEU C 136 12.28 -8.56 17.14
C LEU C 136 12.75 -9.34 18.37
N GLY C 137 14.02 -9.73 18.39
CA GLY C 137 14.63 -10.30 19.58
C GLY C 137 14.66 -11.82 19.67
N MET D 1 -25.50 -12.96 -10.03
CA MET D 1 -24.09 -12.59 -10.07
C MET D 1 -23.93 -11.09 -9.86
N ILE D 2 -22.75 -10.69 -9.39
CA ILE D 2 -22.47 -9.27 -9.15
C ILE D 2 -22.14 -8.55 -10.44
N TRP D 3 -21.70 -9.30 -11.44
CA TRP D 3 -21.18 -8.70 -12.68
C TRP D 3 -22.25 -7.98 -13.50
N LYS D 4 -21.88 -6.87 -14.13
CA LYS D 4 -22.77 -6.15 -15.04
C LYS D 4 -22.77 -6.83 -16.39
N ARG D 5 -21.56 -7.09 -16.90
CA ARG D 5 -21.40 -7.87 -18.11
C ARG D 5 -21.40 -9.34 -17.73
N HIS D 6 -22.21 -10.12 -18.42
CA HIS D 6 -22.26 -11.55 -18.18
C HIS D 6 -21.37 -12.22 -19.20
N LEU D 7 -20.11 -12.42 -18.84
CA LEU D 7 -19.12 -12.98 -19.75
C LEU D 7 -18.97 -14.49 -19.53
N THR D 8 -18.20 -15.13 -20.40
CA THR D 8 -17.89 -16.54 -20.27
C THR D 8 -16.39 -16.71 -20.06
N LEU D 9 -15.96 -17.88 -19.56
CA LEU D 9 -14.53 -18.13 -19.42
C LEU D 9 -13.81 -18.01 -20.76
N ASP D 10 -14.39 -18.61 -21.79
CA ASP D 10 -13.81 -18.54 -23.14
C ASP D 10 -13.62 -17.09 -23.58
N GLU D 11 -14.61 -16.26 -23.28
CA GLU D 11 -14.55 -14.84 -23.62
C GLU D 11 -13.43 -14.14 -22.85
N LEU D 12 -13.32 -14.41 -21.55
CA LEU D 12 -12.25 -13.83 -20.74
C LEU D 12 -10.88 -14.22 -21.29
N ASN D 13 -10.69 -15.51 -21.57
CA ASN D 13 -9.41 -15.97 -22.10
C ASN D 13 -9.08 -15.39 -23.47
N ALA D 14 -10.12 -15.06 -24.24
CA ALA D 14 -9.92 -14.43 -25.55
C ALA D 14 -9.41 -12.99 -25.45
N THR D 15 -9.65 -12.33 -24.32
CA THR D 15 -9.18 -10.95 -24.13
C THR D 15 -7.67 -10.89 -23.96
N SER D 16 -7.06 -12.02 -23.63
CA SER D 16 -5.65 -12.06 -23.28
C SER D 16 -4.70 -12.01 -24.49
N ASP D 17 -5.22 -12.37 -25.67
CA ASP D 17 -4.46 -12.35 -26.92
C ASP D 17 -3.68 -11.05 -27.13
N ASN D 18 -2.38 -11.20 -27.41
CA ASN D 18 -1.49 -10.07 -27.67
C ASN D 18 -1.40 -9.04 -26.54
N THR D 19 -1.51 -9.53 -25.30
CA THR D 19 -1.32 -8.66 -24.12
C THR D 19 -0.34 -9.31 -23.16
N MET D 20 0.00 -8.59 -22.08
CA MET D 20 0.87 -9.12 -21.04
C MET D 20 0.28 -10.39 -20.44
N VAL D 21 -1.05 -10.47 -20.43
CA VAL D 21 -1.72 -11.62 -19.82
C VAL D 21 -1.31 -12.93 -20.47
N ALA D 22 -1.41 -12.99 -21.80
CA ALA D 22 -0.97 -14.16 -22.55
C ALA D 22 0.54 -14.32 -22.46
N HIS D 23 1.27 -13.21 -22.49
CA HIS D 23 2.73 -13.24 -22.43
C HIS D 23 3.23 -13.93 -21.16
N LEU D 24 2.47 -13.80 -20.06
CA LEU D 24 2.85 -14.41 -18.80
C LEU D 24 2.20 -15.78 -18.62
N GLY D 25 1.49 -16.24 -19.64
CA GLY D 25 0.86 -17.55 -19.58
C GLY D 25 -0.27 -17.61 -18.57
N ILE D 26 -0.89 -16.47 -18.29
CA ILE D 26 -2.04 -16.45 -17.38
C ILE D 26 -3.30 -16.98 -18.04
N VAL D 27 -4.02 -17.85 -17.33
CA VAL D 27 -5.22 -18.49 -17.87
C VAL D 27 -6.34 -18.41 -16.85
N TYR D 28 -7.47 -17.82 -17.23
CA TYR D 28 -8.62 -17.76 -16.33
C TYR D 28 -9.23 -19.15 -16.17
N THR D 29 -9.45 -19.58 -14.94
CA THR D 29 -9.83 -20.95 -14.67
C THR D 29 -11.21 -21.07 -14.05
N ARG D 30 -11.73 -19.95 -13.58
CA ARG D 30 -13.04 -19.94 -12.90
C ARG D 30 -13.68 -18.56 -12.97
N LEU D 31 -14.90 -18.52 -13.51
CA LEU D 31 -15.71 -17.30 -13.45
C LEU D 31 -17.01 -17.62 -12.73
N GLY D 32 -17.08 -17.20 -11.47
CA GLY D 32 -18.24 -17.48 -10.63
C GLY D 32 -19.13 -16.27 -10.43
N ASP D 33 -20.08 -16.37 -9.50
CA ASP D 33 -21.03 -15.29 -9.21
C ASP D 33 -20.33 -14.03 -8.71
N ASP D 34 -19.27 -14.24 -7.94
CA ASP D 34 -18.63 -13.17 -7.20
C ASP D 34 -17.15 -13.48 -7.06
N VAL D 35 -16.62 -14.23 -8.01
N VAL D 35 -16.66 -14.36 -7.93
CA VAL D 35 -15.23 -14.64 -7.91
CA VAL D 35 -15.25 -14.73 -7.97
C VAL D 35 -14.67 -14.87 -9.29
C VAL D 35 -14.70 -14.71 -9.38
N LEU D 36 -13.40 -14.50 -9.48
CA LEU D 36 -12.69 -14.70 -10.73
C LEU D 36 -11.35 -15.30 -10.34
N GLU D 37 -11.00 -16.44 -10.92
CA GLU D 37 -9.71 -17.08 -10.65
C GLU D 37 -8.91 -17.27 -11.93
N ALA D 38 -7.57 -17.23 -11.78
CA ALA D 38 -6.68 -17.55 -12.90
C ALA D 38 -5.40 -18.23 -12.42
N GLU D 39 -4.79 -19.01 -13.31
CA GLU D 39 -3.54 -19.68 -12.98
C GLU D 39 -2.38 -19.08 -13.77
N MET D 40 -1.18 -19.13 -13.20
CA MET D 40 0.00 -18.55 -13.82
C MET D 40 1.18 -19.47 -13.53
N PRO D 41 1.98 -19.77 -14.57
CA PRO D 41 3.11 -20.67 -14.32
C PRO D 41 4.20 -19.98 -13.56
N VAL D 42 4.98 -20.75 -12.78
CA VAL D 42 6.20 -20.24 -12.20
C VAL D 42 7.37 -20.81 -12.98
N ASP D 43 7.79 -20.08 -14.01
CA ASP D 43 8.90 -20.53 -14.87
C ASP D 43 9.70 -19.34 -15.36
N THR D 44 10.51 -19.53 -16.40
CA THR D 44 11.42 -18.46 -16.83
C THR D 44 10.67 -17.18 -17.23
N ARG D 45 9.40 -17.32 -17.61
CA ARG D 45 8.58 -16.16 -17.99
C ARG D 45 8.25 -15.29 -16.80
N THR D 46 8.25 -15.91 -15.62
CA THR D 46 7.79 -15.25 -14.40
C THR D 46 8.80 -15.31 -13.27
N HIS D 47 10.00 -15.80 -13.57
CA HIS D 47 11.08 -15.90 -12.58
C HIS D 47 11.80 -14.58 -12.30
N GLN D 48 12.48 -14.51 -11.16
CA GLN D 48 13.48 -13.47 -10.90
C GLN D 48 14.87 -14.13 -10.99
N PRO D 49 15.96 -13.34 -11.02
CA PRO D 49 17.27 -13.94 -11.35
C PRO D 49 17.78 -15.07 -10.46
N PHE D 50 17.13 -15.31 -9.32
CA PHE D 50 17.65 -16.29 -8.37
C PHE D 50 16.73 -17.49 -8.21
N GLY D 51 15.88 -17.72 -9.21
CA GLY D 51 15.05 -18.91 -9.28
C GLY D 51 13.66 -18.86 -8.64
N LEU D 52 13.29 -17.72 -8.07
CA LEU D 52 11.98 -17.59 -7.44
C LEU D 52 10.99 -16.93 -8.38
N LEU D 53 9.70 -17.09 -8.08
CA LEU D 53 8.64 -16.31 -8.73
C LEU D 53 8.90 -14.84 -8.45
N HIS D 54 8.97 -14.05 -9.52
CA HIS D 54 9.13 -12.60 -9.48
C HIS D 54 7.91 -12.00 -8.78
N GLY D 55 8.13 -11.11 -7.82
CA GLY D 55 7.01 -10.50 -7.13
C GLY D 55 6.16 -9.65 -8.07
N GLY D 56 6.77 -9.14 -9.13
CA GLY D 56 6.05 -8.35 -10.11
C GLY D 56 5.07 -9.22 -10.89
N ALA D 57 5.34 -10.52 -10.95
CA ALA D 57 4.42 -11.43 -11.63
C ALA D 57 3.16 -11.68 -10.80
N SER D 58 3.31 -11.83 -9.49
CA SER D 58 2.13 -11.88 -8.65
C SER D 58 1.34 -10.58 -8.71
N ALA D 59 2.03 -9.45 -8.67
CA ALA D 59 1.37 -8.15 -8.81
C ALA D 59 0.62 -8.07 -10.14
N ALA D 60 1.24 -8.55 -11.21
CA ALA D 60 0.62 -8.46 -12.53
C ALA D 60 -0.58 -9.37 -12.58
N LEU D 61 -0.46 -10.54 -11.97
CA LEU D 61 -1.61 -11.45 -11.85
C LEU D 61 -2.75 -10.76 -11.10
N ALA D 62 -2.42 -10.07 -10.02
CA ALA D 62 -3.46 -9.39 -9.24
C ALA D 62 -4.11 -8.23 -10.01
N GLU D 63 -3.30 -7.43 -10.70
CA GLU D 63 -3.88 -6.31 -11.44
C GLU D 63 -4.71 -6.80 -12.63
N THR D 64 -4.28 -7.90 -13.23
CA THR D 64 -5.06 -8.55 -14.29
C THR D 64 -6.45 -8.94 -13.76
N LEU D 65 -6.47 -9.69 -12.66
CA LEU D 65 -7.74 -10.19 -12.12
C LEU D 65 -8.68 -9.07 -11.62
N GLY D 66 -8.14 -8.12 -10.85
CA GLY D 66 -8.97 -7.06 -10.33
C GLY D 66 -9.51 -6.12 -11.40
N SER D 67 -8.70 -5.85 -12.42
CA SER D 67 -9.15 -4.96 -13.49
C SER D 67 -10.18 -5.63 -14.40
N MET D 68 -9.99 -6.92 -14.67
CA MET D 68 -10.99 -7.66 -15.46
C MET D 68 -12.29 -7.85 -14.68
N ALA D 69 -12.17 -8.00 -13.37
CA ALA D 69 -13.35 -7.93 -12.50
C ALA D 69 -14.02 -6.56 -12.60
N GLY D 70 -13.23 -5.49 -12.54
CA GLY D 70 -13.78 -4.16 -12.72
C GLY D 70 -14.39 -3.94 -14.11
N PHE D 71 -13.74 -4.49 -15.13
CA PHE D 71 -14.29 -4.39 -16.47
C PHE D 71 -15.69 -5.00 -16.49
N MET D 72 -15.86 -6.12 -15.80
CA MET D 72 -17.16 -6.79 -15.81
C MET D 72 -18.23 -6.03 -15.02
N MET D 73 -17.81 -4.96 -14.34
CA MET D 73 -18.73 -4.05 -13.67
C MET D 73 -19.11 -2.84 -14.53
N THR D 74 -18.54 -2.75 -15.73
CA THR D 74 -18.81 -1.61 -16.61
C THR D 74 -20.09 -1.78 -17.43
N ARG D 75 -20.63 -0.67 -17.92
CA ARG D 75 -21.62 -0.68 -19.00
C ARG D 75 -20.84 -0.59 -20.30
N ASP D 76 -21.55 -0.39 -21.40
CA ASP D 76 -20.93 -0.44 -22.72
C ASP D 76 -20.08 0.79 -23.05
N GLY D 77 -20.55 1.98 -22.69
CA GLY D 77 -19.81 3.19 -22.99
C GLY D 77 -18.60 3.39 -22.10
N GLN D 78 -18.40 2.46 -21.16
CA GLN D 78 -17.43 2.64 -20.08
C GLN D 78 -16.14 1.84 -20.19
N CYS D 79 -15.12 2.33 -19.47
N CYS D 79 -15.11 2.29 -19.48
CA CYS D 79 -13.82 1.65 -19.38
CA CYS D 79 -13.88 1.52 -19.37
C CYS D 79 -13.45 1.45 -17.91
C CYS D 79 -13.45 1.44 -17.91
N VAL D 80 -12.54 0.52 -17.64
CA VAL D 80 -12.01 0.30 -16.29
C VAL D 80 -10.53 0.65 -16.28
N VAL D 81 -10.06 1.24 -15.19
CA VAL D 81 -8.62 1.41 -15.00
C VAL D 81 -8.26 1.04 -13.57
N GLY D 82 -7.09 0.42 -13.39
CA GLY D 82 -6.58 0.16 -12.05
C GLY D 82 -5.94 1.44 -11.56
N THR D 83 -6.19 1.83 -10.31
CA THR D 83 -5.66 3.10 -9.81
C THR D 83 -4.65 2.91 -8.68
N GLU D 84 -4.92 1.93 -7.82
N GLU D 84 -4.91 1.94 -7.81
CA GLU D 84 -4.03 1.65 -6.71
CA GLU D 84 -4.04 1.69 -6.66
C GLU D 84 -3.80 0.17 -6.52
C GLU D 84 -3.80 0.19 -6.48
N LEU D 85 -2.54 -0.22 -6.43
CA LEU D 85 -2.21 -1.62 -6.18
C LEU D 85 -1.32 -1.76 -4.96
N ASN D 86 -1.59 -2.75 -4.12
CA ASN D 86 -0.60 -3.12 -3.11
C ASN D 86 -0.56 -4.63 -2.98
N ALA D 87 0.61 -5.13 -2.59
CA ALA D 87 0.85 -6.57 -2.54
C ALA D 87 1.81 -6.88 -1.40
N THR D 88 1.55 -7.98 -0.70
CA THR D 88 2.46 -8.46 0.32
C THR D 88 2.94 -9.86 -0.06
N HIS D 89 4.25 -10.03 -0.22
CA HIS D 89 4.80 -11.33 -0.57
C HIS D 89 5.13 -12.14 0.67
N HIS D 90 4.30 -13.13 0.98
CA HIS D 90 4.42 -13.87 2.22
C HIS D 90 5.44 -15.02 2.13
N ARG D 91 5.41 -15.72 0.99
CA ARG D 91 6.12 -16.98 0.80
C ARG D 91 6.68 -16.99 -0.62
N PRO D 92 7.88 -17.55 -0.81
CA PRO D 92 8.38 -17.66 -2.18
C PRO D 92 7.82 -18.90 -2.87
N VAL D 93 7.83 -18.90 -4.20
CA VAL D 93 7.47 -20.07 -4.99
C VAL D 93 8.57 -20.22 -6.03
N SER D 94 8.88 -21.44 -6.44
CA SER D 94 9.98 -21.63 -7.39
C SER D 94 9.59 -22.46 -8.60
N GLU D 95 8.51 -23.21 -8.49
CA GLU D 95 8.12 -24.12 -9.57
C GLU D 95 6.62 -24.34 -9.57
N GLY D 96 6.13 -25.08 -10.56
CA GLY D 96 4.70 -25.33 -10.67
C GLY D 96 3.95 -24.09 -11.09
N LYS D 97 2.72 -23.95 -10.62
CA LYS D 97 1.94 -22.75 -10.90
C LYS D 97 1.33 -22.17 -9.63
N VAL D 98 0.95 -20.90 -9.70
CA VAL D 98 0.18 -20.28 -8.63
C VAL D 98 -1.23 -19.97 -9.13
N ARG D 99 -2.16 -19.80 -8.19
CA ARG D 99 -3.55 -19.54 -8.51
C ARG D 99 -3.99 -18.28 -7.81
N GLY D 100 -4.45 -17.28 -8.59
CA GLY D 100 -4.97 -16.06 -8.01
C GLY D 100 -6.48 -16.12 -7.93
N VAL D 101 -7.02 -15.64 -6.81
CA VAL D 101 -8.46 -15.63 -6.56
C VAL D 101 -8.92 -14.23 -6.22
N CYS D 102 -9.81 -13.69 -7.03
CA CYS D 102 -10.25 -12.30 -6.89
C CYS D 102 -11.71 -12.22 -6.44
N GLN D 103 -11.95 -11.45 -5.37
CA GLN D 103 -13.29 -11.24 -4.85
C GLN D 103 -13.48 -9.76 -4.52
N PRO D 104 -14.73 -9.27 -4.60
CA PRO D 104 -14.98 -7.83 -4.35
C PRO D 104 -14.89 -7.47 -2.88
N LEU D 105 -14.32 -6.31 -2.58
CA LEU D 105 -14.38 -5.77 -1.20
C LEU D 105 -15.41 -4.65 -1.12
N HIS D 106 -15.44 -3.82 -2.16
CA HIS D 106 -16.36 -2.70 -2.22
C HIS D 106 -16.71 -2.42 -3.67
N LEU D 107 -18.00 -2.39 -3.98
CA LEU D 107 -18.45 -2.06 -5.32
C LEU D 107 -19.20 -0.72 -5.34
N GLY D 108 -18.47 0.37 -5.52
CA GLY D 108 -19.11 1.67 -5.62
C GLY D 108 -19.38 1.94 -7.08
N ARG D 109 -20.08 3.03 -7.41
CA ARG D 109 -20.32 3.31 -8.82
C ARG D 109 -19.16 4.04 -9.52
N GLN D 110 -18.38 4.81 -8.77
CA GLN D 110 -17.15 5.39 -9.31
C GLN D 110 -16.01 4.41 -9.09
N ASN D 111 -15.79 4.03 -7.83
CA ASN D 111 -14.66 3.20 -7.44
C ASN D 111 -15.00 1.80 -6.96
N GLN D 112 -14.07 0.86 -7.15
CA GLN D 112 -14.21 -0.48 -6.62
C GLN D 112 -12.92 -0.90 -5.96
N SER D 113 -13.00 -1.86 -5.05
CA SER D 113 -11.81 -2.42 -4.40
C SER D 113 -11.89 -3.94 -4.41
N TRP D 114 -10.83 -4.57 -4.88
CA TRP D 114 -10.79 -6.02 -5.08
C TRP D 114 -9.71 -6.63 -4.23
N GLU D 115 -9.99 -7.82 -3.68
CA GLU D 115 -8.94 -8.58 -3.04
C GLU D 115 -8.45 -9.65 -3.99
N ILE D 116 -7.14 -9.81 -4.10
CA ILE D 116 -6.59 -10.93 -4.86
C ILE D 116 -5.60 -11.69 -3.98
N VAL D 117 -5.87 -12.96 -3.78
CA VAL D 117 -4.97 -13.82 -3.01
C VAL D 117 -4.34 -14.79 -3.99
N VAL D 118 -3.03 -14.99 -3.85
CA VAL D 118 -2.32 -15.88 -4.76
C VAL D 118 -1.84 -17.09 -3.97
N PHE D 119 -2.22 -18.29 -4.41
CA PHE D 119 -1.91 -19.51 -3.67
C PHE D 119 -0.93 -20.37 -4.45
N ASP D 120 -0.06 -21.10 -3.74
CA ASP D 120 0.79 -22.09 -4.41
C ASP D 120 0.01 -23.40 -4.59
N GLU D 121 0.66 -24.42 -5.16
CA GLU D 121 -0.01 -25.69 -5.45
C GLU D 121 -0.54 -26.41 -4.20
N GLN D 122 0.09 -26.20 -3.06
CA GLN D 122 -0.36 -26.81 -1.81
C GLN D 122 -1.47 -25.97 -1.17
N GLY D 123 -1.90 -24.91 -1.85
CA GLY D 123 -2.95 -24.06 -1.32
C GLY D 123 -2.46 -23.13 -0.23
N ARG D 124 -1.14 -22.99 -0.11
CA ARG D 124 -0.57 -22.05 0.85
C ARG D 124 -0.61 -20.65 0.25
N ARG D 125 -1.00 -19.67 1.07
CA ARG D 125 -1.12 -18.28 0.62
C ARG D 125 0.28 -17.70 0.44
N CYS D 126 0.62 -17.29 -0.79
N CYS D 126 0.63 -17.31 -0.79
CA CYS D 126 1.95 -16.76 -1.04
CA CYS D 126 1.98 -16.75 -1.03
C CYS D 126 1.98 -15.25 -1.22
C CYS D 126 1.97 -15.23 -1.19
N CYS D 127 0.85 -14.68 -1.63
CA CYS D 127 0.77 -13.24 -1.86
C CYS D 127 -0.63 -12.76 -1.54
N THR D 128 -0.74 -11.62 -0.86
CA THR D 128 -2.02 -10.96 -0.72
C THR D 128 -1.97 -9.58 -1.35
N CYS D 129 -2.93 -9.29 -2.22
CA CYS D 129 -2.98 -8.01 -2.94
C CYS D 129 -4.31 -7.33 -2.74
N ARG D 130 -4.33 -6.01 -2.91
CA ARG D 130 -5.59 -5.26 -2.95
C ARG D 130 -5.49 -4.25 -4.10
N LEU D 131 -6.54 -4.18 -4.93
CA LEU D 131 -6.50 -3.33 -6.12
C LEU D 131 -7.68 -2.41 -6.17
N GLY D 132 -7.42 -1.12 -6.31
CA GLY D 132 -8.48 -0.13 -6.50
C GLY D 132 -8.69 0.05 -7.99
N THR D 133 -9.95 0.06 -8.43
CA THR D 133 -10.23 0.36 -9.83
C THR D 133 -11.17 1.57 -9.92
N ALA D 134 -11.16 2.21 -11.09
CA ALA D 134 -12.06 3.30 -11.40
C ALA D 134 -12.85 2.97 -12.66
N VAL D 135 -14.17 3.16 -12.59
CA VAL D 135 -14.99 3.04 -13.80
C VAL D 135 -15.17 4.43 -14.43
N LEU D 136 -14.77 4.56 -15.69
CA LEU D 136 -14.82 5.85 -16.38
C LEU D 136 -15.92 5.84 -17.43
N GLY D 137 -16.56 6.99 -17.63
CA GLY D 137 -17.59 7.11 -18.66
C GLY D 137 -18.98 6.82 -18.16
CB 0FQ E . -5.44 -1.62 -15.42
N1A 0FQ E . -9.74 11.37 -24.01
O1A 0FQ E . -7.77 13.41 -15.56
P1A 0FQ E . -6.49 13.64 -14.86
C1B 0FQ E . -4.88 -2.83 -16.15
O1B 0FQ E . -3.65 -2.99 -16.19
C1D 0FQ E . -7.15 11.70 -19.47
S1P 0FQ E . -5.53 -0.17 -16.45
C2A 0FQ E . -8.63 12.08 -23.74
O2A 0FQ E . -6.43 15.08 -14.38
P2A 0FQ E . -7.59 12.31 -12.77
C2B 0FQ E . -5.84 -3.81 -16.83
C2D 0FQ E . -7.16 13.13 -18.89
O2D 0FQ E . -7.49 14.14 -19.78
C2P 0FQ E . -3.89 0.32 -16.80
N3A 0FQ E . -8.08 12.06 -22.50
O3A 0FQ E . -6.33 12.66 -13.64
C3B 0FQ E . -7.09 -3.34 -17.29
C3D 0FQ E . -5.82 13.27 -18.39
O3D 0FQ E . -4.91 13.64 -19.38
P3D 0FQ E . -4.13 14.99 -19.24
C3P 0FQ E . -3.09 0.91 -15.67
C4A 0FQ E . -8.63 11.33 -21.48
O4A 0FQ E . -7.21 12.23 -11.29
C4B 0FQ E . -7.99 -4.22 -17.89
C4D 0FQ E . -5.50 11.95 -17.97
O4D 0FQ E . -6.54 11.02 -18.35
N4P 0FQ E . -3.83 1.93 -14.93
C5A 0FQ E . -9.80 10.58 -21.75
O5A 0FQ E . -8.63 13.39 -12.93
C5B 0FQ E . -7.64 -5.57 -18.04
C5D 0FQ E . -5.27 12.01 -16.43
O5D 0FQ E . -5.32 13.32 -15.84
C5P 0FQ E . -3.95 3.24 -15.56
O5P 0FQ E . -3.43 3.49 -16.64
C6A 0FQ E . -10.35 10.62 -23.05
N6A 0FQ E . -11.60 9.84 -23.38
O6A 0FQ E . -8.23 10.94 -13.32
C6B 0FQ E . -6.39 -6.05 -17.59
C6P 0FQ E . -4.73 4.35 -14.83
N7A 0FQ E . -10.16 9.93 -20.59
O7A 0FQ E . -5.09 16.08 -18.65
C7B 0FQ E . -5.48 -5.17 -16.97
C7P 0FQ E . -3.96 5.66 -14.88
C8A 0FQ E . -9.24 10.27 -19.62
O8A 0FQ E . -2.94 14.82 -18.32
N8P 0FQ E . -4.60 6.76 -14.03
N9A 0FQ E . -8.31 11.13 -20.15
O9A 0FQ E . -3.64 15.44 -20.63
C9P 0FQ E . -5.64 7.59 -14.70
O9P 0FQ E . -5.96 7.41 -15.85
CAP 0FQ E . -6.34 8.76 -13.80
OAP 0FQ E . -5.51 9.05 -12.62
CBP 0FQ E . -7.86 8.54 -13.40
CCP 0FQ E . -8.23 9.78 -12.57
CDP 0FQ E . -8.73 8.52 -14.69
CEP 0FQ E . -7.97 7.23 -12.64
CB 0FQ F . 3.56 -0.77 16.16
N1A 0FQ F . 17.06 -4.49 15.68
O1A 0FQ F . 18.27 -1.94 11.82
P1A 0FQ F . 18.31 -0.68 11.04
C1B 0FQ F . 2.50 -0.01 16.93
O1B 0FQ F . 2.21 1.17 16.61
C1D 0FQ F . 15.62 0.45 15.53
S1P 0FQ F . 5.24 -0.36 16.58
C2A 0FQ F . 17.48 -3.51 14.85
O2A 0FQ F . 19.64 -0.58 10.30
P2A 0FQ F . 16.24 -1.88 9.67
C2B 0FQ F . 1.81 -0.72 18.08
C2D 0FQ F . 17.09 0.85 15.74
O2D 0FQ F . 17.24 1.71 16.83
C2P 0FQ F . 5.40 1.36 16.29
N3A 0FQ F . 16.99 -2.26 14.94
O3A 0FQ F . 17.14 -0.62 10.00
C3B 0FQ F . 2.50 -1.75 18.78
C3D 0FQ F . 17.54 1.45 14.52
O3D 0FQ F . 18.06 2.74 14.75
P3D 0FQ F . 19.61 2.85 14.81
C3P 0FQ F . 5.58 1.79 14.88
C4A 0FQ F . 16.07 -1.95 15.88
O4A 0FQ F . 15.21 -1.49 8.58
C4B 0FQ F . 1.89 -2.44 19.83
C4D 0FQ F . 16.41 1.45 13.65
O4D 0FQ F . 15.44 0.49 14.09
N4P 0FQ F . 6.45 0.94 14.08
C5A 0FQ F . 15.62 -2.95 16.78
O5A 0FQ F . 17.04 -3.04 9.13
C5B 0FQ F . 0.58 -2.10 20.20
C5D 0FQ F . 16.87 1.15 12.20
O5D 0FQ F . 18.16 0.53 12.02
C5P 0FQ F . 7.88 1.14 14.26
O5P 0FQ F . 8.31 2.01 15.01
C6A 0FQ F . 16.14 -4.24 16.65
N6A 0FQ F . 15.70 -5.36 17.58
O6A 0FQ F . 15.48 -2.39 10.97
C6B 0FQ F . -0.11 -1.07 19.52
C6P 0FQ F . 8.89 0.29 13.48
N7A 0FQ F . 14.69 -2.38 17.63
O7A 0FQ F . 20.21 1.40 14.79
C7B 0FQ F . 0.50 -0.38 18.46
C7P 0FQ F . 9.92 1.22 12.84
C8A 0FQ F . 14.57 -1.07 17.28
O8A 0FQ F . 20.13 3.64 13.63
N8P 0FQ F . 10.89 0.46 11.93
N9A 0FQ F . 15.39 -0.80 16.22
O9A 0FQ F . 20.03 3.53 16.13
C9P 0FQ F . 12.00 -0.29 12.61
O9P 0FQ F . 12.12 -0.31 13.80
CAP 0FQ F . 13.01 -1.09 11.60
OAP 0FQ F . 12.74 -0.66 10.22
CBP 0FQ F . 13.15 -2.67 11.75
CCP 0FQ F . 14.30 -3.09 10.82
CDP 0FQ F . 13.50 -3.01 13.23
CEP 0FQ F . 11.83 -3.34 11.36
CB 0FQ G . -9.79 12.02 5.06
N1A 0FQ G . -22.24 8.75 6.16
O1A 0FQ G . -21.15 6.82 -4.99
P1A 0FQ G . -20.96 5.47 -4.42
C1B 0FQ G . -9.51 12.52 6.46
O1B 0FQ G . -9.55 11.75 7.44
C1D 0FQ G . -22.85 6.91 1.27
S1P 0FQ G . -11.53 11.92 4.68
C2A 0FQ G . -22.32 7.46 5.76
O2A 0FQ G . -21.62 4.41 -5.29
P2A 0FQ G . -18.25 5.77 -4.95
C2B 0FQ G . -9.24 14.00 6.68
C2D 0FQ G . -24.19 6.64 0.54
O2D 0FQ G . -25.12 5.94 1.29
C2P 0FQ G . -12.26 10.68 5.69
N3A 0FQ G . -22.48 7.13 4.46
O3A 0FQ G . -19.45 5.09 -4.19
C3B 0FQ G . -9.85 14.93 5.80
C3D 0FQ G . -23.84 5.93 -0.67
O3D 0FQ G . -24.09 4.57 -0.54
P3D 0FQ G . -23.92 3.63 -1.77
C3P 0FQ G . -11.84 9.27 5.40
C4A 0FQ G . -22.58 8.09 3.50
O4A 0FQ G . -17.78 4.96 -6.17
C4B 0FQ G . -9.62 16.31 5.99
C4D 0FQ G . -22.43 6.12 -0.80
O4D 0FQ G . -21.90 7.01 0.19
N4P 0FQ G . -12.05 8.87 4.02
C5A 0FQ G . -22.50 9.45 3.88
O5A 0FQ G . -18.60 7.19 -5.33
C5B 0FQ G . -8.79 16.74 7.05
C5D 0FQ G . -21.99 6.52 -2.24
O5D 0FQ G . -21.64 5.39 -3.01
C5P 0FQ G . -13.43 8.61 3.62
O5P 0FQ G . -14.36 8.68 4.43
C6A 0FQ G . -22.33 9.76 5.24
N6A 0FQ G . -22.24 11.20 5.67
O6A 0FQ G . -17.00 5.83 -3.93
C6B 0FQ G . -8.20 15.81 7.93
C6P 0FQ G . -13.72 8.19 2.17
N7A 0FQ G . -22.60 10.22 2.74
O7A 0FQ G . -24.95 2.45 -1.69
C7B 0FQ G . -8.42 14.44 7.74
C7P 0FQ G . -14.58 6.92 2.13
C8A 0FQ G . -22.75 9.38 1.69
O8A 0FQ G . -24.21 4.42 -3.02
N8P 0FQ G . -14.78 6.42 0.70
N9A 0FQ G . -22.75 8.08 2.13
O9A 0FQ G . -22.49 3.02 -1.82
C9P 0FQ G . -15.88 7.09 -0.07
O9P 0FQ G . -16.56 7.98 0.39
CAP 0FQ G . -16.09 6.56 -1.59
OAP 0FQ G . -15.41 5.25 -1.73
CBP 0FQ G . -15.76 7.59 -2.76
CCP 0FQ G . -16.04 6.81 -4.05
CDP 0FQ G . -16.72 8.80 -2.64
CEP 0FQ G . -14.31 8.02 -2.65
CB 0FQ H . 11.84 -9.91 -5.47
N1A 0FQ H . 12.92 -21.89 -0.86
O1A 0FQ H . 9.71 -17.94 9.35
P1A 0FQ H . 9.36 -18.21 7.93
C1B 0FQ H . 11.82 -9.97 -6.99
O1B 0FQ H . 10.78 -10.26 -7.61
C1D 0FQ H . 9.62 -20.93 3.08
S1P 0FQ H . 11.99 -11.51 -4.71
C2A 0FQ H . 11.59 -22.15 -0.82
O2A 0FQ H . 7.91 -18.68 7.84
P2A 0FQ H . 9.64 -15.46 7.55
C2B 0FQ H . 13.11 -9.70 -7.77
C2D 0FQ H . 9.60 -22.06 4.12
O2D 0FQ H . 8.84 -23.15 3.73
C2P 0FQ H . 10.60 -12.47 -5.14
N3A 0FQ H . 10.84 -21.84 0.27
O3A 0FQ H . 9.58 -16.95 7.03
C3B 0FQ H . 14.36 -9.92 -7.15
C3D 0FQ H . 9.22 -21.52 5.40
O3D 0FQ H . 7.88 -21.82 5.66
P3D 0FQ H . 7.50 -22.97 6.62
C3P 0FQ H . 9.28 -12.07 -4.52
C4A 0FQ H . 11.42 -21.27 1.36
O4A 0FQ H . 8.22 -14.85 7.58
C4B 0FQ H . 15.54 -9.66 -7.85
C4D 0FQ H . 9.26 -20.11 5.22
O4D 0FQ H . 9.28 -19.73 3.83
N4P 0FQ H . 9.29 -11.96 -3.07
C5A 0FQ H . 12.80 -20.98 1.34
O5A 0FQ H . 10.28 -15.36 8.91
C5B 0FQ H . 15.46 -9.19 -9.18
C5D 0FQ H . 10.47 -19.51 5.99
O5D 0FQ H . 10.30 -19.34 7.40
C5P 0FQ H . 9.46 -13.19 -2.30
O5P 0FQ H . 9.58 -14.28 -2.84
C6A 0FQ H . 13.55 -21.30 0.20
N6A 0FQ H . 15.03 -21.00 0.16
O6A 0FQ H . 10.62 -14.66 6.56
C6B 0FQ H . 14.21 -8.98 -9.81
C6P 0FQ H . 9.47 -13.14 -0.76
N7A 0FQ H . 13.14 -20.40 2.54
O7A 0FQ H . 8.52 -23.05 7.81
C7B 0FQ H . 13.03 -9.23 -9.09
C7P 0FQ H . 8.44 -14.07 -0.12
C8A 0FQ H . 12.01 -20.32 3.29
O8A 0FQ H . 6.12 -22.68 7.15
N8P 0FQ H . 8.32 -13.83 1.39
N9A 0FQ H . 10.97 -20.84 2.59
O9A 0FQ H . 7.50 -24.31 5.84
C9P 0FQ H . 9.27 -14.58 2.27
O9P 0FQ H . 10.08 -15.33 1.78
CAP 0FQ H . 9.20 -14.32 3.89
OAP 0FQ H . 7.91 -13.70 4.24
CBP 0FQ H . 10.40 -13.43 4.47
CCP 0FQ H . 10.26 -13.46 6.00
CDP 0FQ H . 11.73 -14.11 4.04
CEP 0FQ H . 10.32 -12.02 3.93
#